data_6ZN4
#
_entry.id   6ZN4
#
_cell.length_a   48.028
_cell.length_b   92.654
_cell.length_c   96.956
_cell.angle_alpha   90.000
_cell.angle_beta   91.100
_cell.angle_gamma   90.000
#
_symmetry.space_group_name_H-M   'P 1 21 1'
#
loop_
_entity.id
_entity.type
_entity.pdbx_description
1 polymer 'NADP-dependent malate dehydrogenase,Malate dehydrogenase'
2 non-polymer 'MAGNESIUM ION'
3 water water
#
_entity_poly.entity_id   1
_entity_poly.type   'polypeptide(L)'
_entity_poly.pdbx_seq_one_letter_code
;MGSSHHHHHHSMDNKTETKIEPKTGTTNFDQEALLYHQQGKPGKIEVISSKPCATEKDLSLAYSPGVAAPCKAIAKDPAK
VYDYTAKGNLVAVISNGTAVLGLGNIGPAAGKPVMEGKGILFKQFAGIDVFDIEVAATDVDVFCNAVRVLEPTFGGINLE
DIKAPECFEIEERLKKEMNIPVFHDDQHGTAIVSGAALLNACSITNRKMETVRIVVNGAGASANSCAKIFIALGARRENI
IMCDSQGVIYKGRTAGMNKYKEYFASETEARTLTEALRGADVFVGLSVAGALTPEMLKDMAKDPIIFAMANPEPEITPDK
ARAARPDAIIATGRSDYPNQVNNVLGFPSIFRGALDTRSTQINEEMKLAAVHALAKLAREDVPDKVSATYGGKSFKFGRD
YLIPKPFDTRVLLWVAPEVAKAAMKSGVATRAIEDWDQYRESLEA
;
_entity_poly.pdbx_strand_id   A,B
#
# COMPACT_ATOMS: atom_id res chain seq x y z
N THR A 27 -7.57 -14.52 -29.31
CA THR A 27 -8.15 -15.43 -28.33
C THR A 27 -9.36 -14.79 -27.65
N ASN A 28 -10.46 -15.54 -27.60
CA ASN A 28 -11.67 -15.07 -26.92
C ASN A 28 -11.49 -15.03 -25.41
N PHE A 29 -10.62 -15.88 -24.89
CA PHE A 29 -10.33 -15.89 -23.46
C PHE A 29 -9.50 -14.68 -23.05
N ASP A 30 -8.57 -14.26 -23.90
CA ASP A 30 -7.80 -13.05 -23.62
C ASP A 30 -8.73 -11.85 -23.58
N GLN A 31 -9.71 -11.83 -24.49
CA GLN A 31 -10.67 -10.75 -24.53
C GLN A 31 -11.57 -10.75 -23.29
N GLU A 32 -11.92 -11.94 -22.82
CA GLU A 32 -12.70 -12.06 -21.60
C GLU A 32 -11.91 -11.50 -20.40
N ALA A 33 -10.62 -11.80 -20.37
CA ALA A 33 -9.75 -11.33 -19.29
C ALA A 33 -9.56 -9.82 -19.30
N LEU A 34 -9.38 -9.24 -20.48
CA LEU A 34 -9.23 -7.79 -20.59
C LEU A 34 -10.50 -7.09 -20.08
N LEU A 35 -11.65 -7.57 -20.52
CA LEU A 35 -12.93 -6.99 -20.09
C LEU A 35 -13.14 -7.17 -18.59
N TYR A 36 -12.77 -8.33 -18.06
CA TYR A 36 -12.84 -8.58 -16.62
C TYR A 36 -12.15 -7.45 -15.85
N HIS A 37 -10.97 -7.06 -16.32
CA HIS A 37 -10.15 -6.04 -15.63
C HIS A 37 -10.63 -4.62 -15.88
N GLN A 38 -11.13 -4.40 -17.09
CA GLN A 38 -11.48 -3.08 -17.57
C GLN A 38 -12.88 -2.62 -17.16
N GLN A 39 -13.82 -3.55 -17.09
CA GLN A 39 -15.23 -3.28 -16.80
C GLN A 39 -15.46 -2.85 -15.36
N GLY A 40 -16.57 -2.17 -15.09
CA GLY A 40 -16.87 -1.71 -13.76
C GLY A 40 -15.81 -0.79 -13.21
N LYS A 41 -15.41 -1.03 -11.97
CA LYS A 41 -14.29 -0.29 -11.40
C LYS A 41 -13.02 -0.87 -12.03
N PRO A 42 -12.21 -0.04 -12.71
CA PRO A 42 -10.96 -0.59 -13.29
C PRO A 42 -10.12 -1.35 -12.27
N GLY A 43 -9.50 -2.46 -12.68
CA GLY A 43 -8.66 -3.21 -11.78
C GLY A 43 -9.51 -4.15 -10.93
N LYS A 44 -8.91 -4.68 -9.86
CA LYS A 44 -9.57 -5.77 -9.14
C LYS A 44 -9.70 -5.50 -7.66
N ILE A 45 -9.16 -4.37 -7.19
CA ILE A 45 -9.20 -4.11 -5.74
C ILE A 45 -9.83 -2.79 -5.40
N GLU A 46 -10.33 -2.74 -4.18
CA GLU A 46 -10.96 -1.57 -3.61
C GLU A 46 -10.56 -1.53 -2.14
N VAL A 47 -10.30 -0.34 -1.58
CA VAL A 47 -10.05 -0.22 -0.16
C VAL A 47 -11.29 0.36 0.51
N ILE A 48 -11.81 -0.31 1.54
CA ILE A 48 -13.01 0.17 2.22
C ILE A 48 -12.79 0.30 3.72
N SER A 49 -13.69 1.02 4.37
CA SER A 49 -13.62 1.13 5.82
C SER A 49 -14.21 -0.11 6.47
N SER A 50 -13.57 -0.57 7.54
CA SER A 50 -14.12 -1.67 8.32
C SER A 50 -14.95 -1.17 9.51
N LYS A 51 -15.06 0.16 9.64
CA LYS A 51 -15.73 0.81 10.78
C LYS A 51 -16.70 1.89 10.30
N PRO A 52 -17.72 2.20 11.10
CA PRO A 52 -18.63 3.30 10.71
C PRO A 52 -17.90 4.59 10.41
N CYS A 53 -18.25 5.26 9.33
CA CYS A 53 -17.53 6.48 8.96
C CYS A 53 -18.41 7.47 8.20
N ALA A 54 -19.69 7.50 8.57
CA ALA A 54 -20.67 8.31 7.85
C ALA A 54 -21.01 9.64 8.55
N THR A 55 -20.81 9.72 9.86
CA THR A 55 -21.23 10.90 10.60
C THR A 55 -20.07 11.70 11.13
N GLU A 56 -20.36 12.93 11.54
CA GLU A 56 -19.40 13.77 12.24
C GLU A 56 -18.79 13.00 13.43
N LYS A 57 -19.65 12.35 14.23
CA LYS A 57 -19.18 11.60 15.38
C LYS A 57 -18.22 10.47 14.97
N ASP A 58 -18.64 9.66 13.99
CA ASP A 58 -17.80 8.57 13.45
C ASP A 58 -16.42 9.08 13.08
N LEU A 59 -16.40 10.18 12.32
CA LEU A 59 -15.14 10.69 11.81
C LEU A 59 -14.33 11.43 12.87
N SER A 60 -14.97 11.79 13.99
CA SER A 60 -14.24 12.37 15.11
C SER A 60 -13.45 11.30 15.86
N LEU A 61 -13.74 10.04 15.55
CA LEU A 61 -12.99 8.91 16.10
C LEU A 61 -12.01 8.35 15.08
N ALA A 62 -12.48 8.18 13.84
CA ALA A 62 -11.62 7.69 12.74
C ALA A 62 -10.52 8.69 12.40
N TYR A 63 -10.78 9.98 12.61
CA TYR A 63 -9.77 10.99 12.37
C TYR A 63 -9.71 11.97 13.54
N SER A 64 -9.26 13.21 13.31
CA SER A 64 -9.09 14.15 14.42
CA SER A 64 -9.08 14.17 14.41
C SER A 64 -10.42 14.55 15.06
N PRO A 65 -10.45 14.67 16.39
CA PRO A 65 -9.34 14.57 17.34
C PRO A 65 -9.14 13.19 17.98
N GLY A 66 -10.11 12.28 17.84
CA GLY A 66 -10.03 10.99 18.51
C GLY A 66 -8.89 10.09 18.09
N VAL A 67 -8.49 10.18 16.83
CA VAL A 67 -7.47 9.30 16.29
C VAL A 67 -6.12 9.53 16.99
N ALA A 68 -5.96 10.66 17.70
CA ALA A 68 -4.74 10.89 18.48
C ALA A 68 -4.56 9.83 19.56
N ALA A 69 -5.67 9.29 20.07
CA ALA A 69 -5.58 8.35 21.19
C ALA A 69 -4.80 7.06 20.85
N PRO A 70 -5.15 6.35 19.75
CA PRO A 70 -4.29 5.20 19.47
C PRO A 70 -2.87 5.56 19.06
N CYS A 71 -2.67 6.73 18.44
CA CYS A 71 -1.31 7.14 18.10
C CYS A 71 -0.47 7.26 19.36
N LYS A 72 -1.01 7.93 20.36
CA LYS A 72 -0.31 8.09 21.62
C LYS A 72 -0.06 6.74 22.31
N ALA A 73 -1.01 5.82 22.20
CA ALA A 73 -0.84 4.48 22.79
C ALA A 73 0.32 3.74 22.12
N ILE A 74 0.42 3.85 20.81
CA ILE A 74 1.45 3.14 20.06
C ILE A 74 2.82 3.77 20.32
N ALA A 75 2.85 5.09 20.43
CA ALA A 75 4.09 5.82 20.73
C ALA A 75 4.68 5.32 22.03
N LYS A 76 3.80 5.09 23.00
CA LYS A 76 4.21 4.62 24.32
C LYS A 76 4.57 3.13 24.32
N ASP A 77 3.80 2.33 23.59
CA ASP A 77 4.00 0.89 23.51
C ASP A 77 3.88 0.38 22.05
N PRO A 78 5.01 0.27 21.35
CA PRO A 78 5.07 -0.02 19.90
C PRO A 78 4.26 -1.23 19.43
N ALA A 79 4.17 -2.26 20.27
CA ALA A 79 3.44 -3.48 19.91
C ALA A 79 1.95 -3.22 19.70
N LYS A 80 1.44 -2.11 20.21
CA LYS A 80 0.03 -1.81 20.08
C LYS A 80 -0.37 -1.41 18.65
N VAL A 81 0.61 -1.24 17.77
CA VAL A 81 0.30 -0.96 16.35
C VAL A 81 -0.54 -2.11 15.81
N TYR A 82 -0.29 -3.32 16.34
CA TYR A 82 -1.05 -4.50 15.96
C TYR A 82 -2.49 -4.51 16.49
N ASP A 83 -2.78 -3.71 17.51
CA ASP A 83 -4.12 -3.70 18.09
C ASP A 83 -5.05 -2.65 17.46
N TYR A 84 -4.47 -1.57 16.96
CA TYR A 84 -5.28 -0.43 16.53
C TYR A 84 -5.19 -0.13 15.05
N THR A 85 -4.42 -0.91 14.30
CA THR A 85 -4.26 -0.71 12.84
C THR A 85 -4.44 -2.03 12.13
N ALA A 86 -4.43 -2.00 10.81
CA ALA A 86 -4.57 -3.23 10.03
C ALA A 86 -3.26 -4.05 9.89
N LYS A 87 -2.19 -3.61 10.55
CA LYS A 87 -0.86 -4.20 10.34
C LYS A 87 -0.84 -5.72 10.47
N GLY A 88 -1.53 -6.22 11.50
CA GLY A 88 -1.53 -7.66 11.75
C GLY A 88 -2.28 -8.52 10.75
N ASN A 89 -2.93 -7.91 9.77
CA ASN A 89 -3.60 -8.67 8.73
C ASN A 89 -3.22 -8.15 7.35
N LEU A 90 -2.11 -7.43 7.27
CA LEU A 90 -1.76 -6.73 6.04
C LEU A 90 -0.42 -7.19 5.51
N VAL A 91 -0.42 -7.74 4.31
CA VAL A 91 0.78 -8.21 3.65
C VAL A 91 1.03 -7.33 2.42
N ALA A 92 2.28 -6.97 2.19
CA ALA A 92 2.64 -6.33 0.94
C ALA A 92 3.03 -7.39 -0.09
N VAL A 93 2.40 -7.36 -1.27
CA VAL A 93 2.91 -8.15 -2.40
C VAL A 93 3.73 -7.19 -3.22
N ILE A 94 5.04 -7.44 -3.25
CA ILE A 94 6.00 -6.45 -3.78
C ILE A 94 6.78 -7.05 -4.94
N SER A 95 6.83 -6.33 -6.05
CA SER A 95 7.52 -6.82 -7.25
C SER A 95 8.18 -5.68 -8.00
N ASN A 96 9.25 -5.96 -8.72
CA ASN A 96 9.74 -4.98 -9.67
C ASN A 96 9.41 -5.39 -11.11
N GLY A 97 8.60 -6.44 -11.27
CA GLY A 97 8.15 -6.88 -12.58
C GLY A 97 9.24 -7.44 -13.50
N THR A 98 10.32 -7.98 -12.92
CA THR A 98 11.42 -8.46 -13.77
C THR A 98 11.26 -9.94 -14.16
N ALA A 99 10.28 -10.60 -13.57
CA ALA A 99 9.94 -11.97 -13.97
C ALA A 99 8.47 -12.25 -13.73
N VAL A 100 7.62 -11.63 -14.54
CA VAL A 100 6.18 -11.71 -14.35
C VAL A 100 5.66 -12.95 -15.04
N LEU A 101 5.09 -13.85 -14.25
CA LEU A 101 4.57 -15.14 -14.74
C LEU A 101 5.61 -15.77 -15.68
N GLY A 102 5.21 -16.08 -16.90
CA GLY A 102 6.14 -16.54 -17.92
C GLY A 102 6.46 -15.48 -18.95
N LEU A 103 6.14 -14.24 -18.63
CA LEU A 103 6.31 -13.12 -19.56
C LEU A 103 7.69 -12.47 -19.49
N GLY A 104 8.47 -12.80 -18.45
CA GLY A 104 9.79 -12.24 -18.30
C GLY A 104 9.80 -10.82 -17.77
N ASN A 105 10.78 -10.05 -18.21
CA ASN A 105 11.04 -8.72 -17.65
C ASN A 105 10.21 -7.65 -18.34
N ILE A 106 8.97 -7.49 -17.89
CA ILE A 106 8.07 -6.53 -18.52
C ILE A 106 7.93 -5.24 -17.71
N GLY A 107 8.55 -5.20 -16.53
CA GLY A 107 8.55 -3.96 -15.74
C GLY A 107 7.42 -3.84 -14.72
N PRO A 108 7.55 -2.87 -13.82
CA PRO A 108 6.67 -2.84 -12.64
C PRO A 108 5.22 -2.55 -12.99
N ALA A 109 4.95 -1.60 -13.88
CA ALA A 109 3.55 -1.28 -14.17
C ALA A 109 2.81 -2.45 -14.85
N ALA A 110 3.49 -3.12 -15.76
CA ALA A 110 2.87 -4.23 -16.48
C ALA A 110 2.68 -5.43 -15.57
N GLY A 111 3.43 -5.50 -14.47
CA GLY A 111 3.19 -6.55 -13.49
C GLY A 111 2.04 -6.26 -12.52
N LYS A 112 1.52 -5.03 -12.51
CA LYS A 112 0.50 -4.66 -11.50
C LYS A 112 -0.75 -5.55 -11.52
N PRO A 113 -1.28 -5.93 -12.70
CA PRO A 113 -2.44 -6.83 -12.63
C PRO A 113 -2.13 -8.16 -11.93
N VAL A 114 -0.92 -8.66 -12.09
CA VAL A 114 -0.55 -9.91 -11.45
C VAL A 114 -0.49 -9.72 -9.93
N MET A 115 0.07 -8.60 -9.49
CA MET A 115 0.23 -8.37 -8.05
C MET A 115 -1.15 -8.13 -7.40
N GLU A 116 -2.02 -7.37 -8.07
CA GLU A 116 -3.41 -7.26 -7.61
C GLU A 116 -4.05 -8.65 -7.50
N GLY A 117 -3.86 -9.50 -8.50
CA GLY A 117 -4.41 -10.84 -8.48
C GLY A 117 -3.81 -11.70 -7.37
N LYS A 118 -2.51 -11.62 -7.14
CA LYS A 118 -1.90 -12.36 -6.04
C LYS A 118 -2.56 -11.92 -4.73
N GLY A 119 -2.82 -10.63 -4.64
CA GLY A 119 -3.48 -10.10 -3.46
C GLY A 119 -4.88 -10.69 -3.26
N ILE A 120 -5.61 -10.86 -4.37
CA ILE A 120 -6.92 -11.52 -4.33
C ILE A 120 -6.80 -12.93 -3.75
N LEU A 121 -5.78 -13.67 -4.18
CA LEU A 121 -5.57 -15.01 -3.65
C LEU A 121 -5.33 -14.99 -2.14
N PHE A 122 -4.56 -14.01 -1.66
CA PHE A 122 -4.34 -13.89 -0.23
C PHE A 122 -5.66 -13.69 0.54
N LYS A 123 -6.51 -12.82 0.01
CA LYS A 123 -7.78 -12.52 0.65
C LYS A 123 -8.72 -13.72 0.63
N GLN A 124 -8.86 -14.33 -0.55
CA GLN A 124 -9.83 -15.42 -0.72
C GLN A 124 -9.44 -16.68 0.04
N PHE A 125 -8.16 -16.99 0.06
CA PHE A 125 -7.69 -18.23 0.66
C PHE A 125 -7.26 -18.12 2.11
N ALA A 126 -6.93 -16.91 2.54
CA ALA A 126 -6.46 -16.75 3.92
C ALA A 126 -7.11 -15.59 4.66
N GLY A 127 -7.97 -14.84 3.98
CA GLY A 127 -8.56 -13.65 4.59
C GLY A 127 -7.56 -12.56 4.93
N ILE A 128 -6.44 -12.53 4.22
CA ILE A 128 -5.39 -11.54 4.44
C ILE A 128 -5.57 -10.36 3.49
N ASP A 129 -5.49 -9.14 4.03
CA ASP A 129 -5.52 -7.93 3.20
C ASP A 129 -4.15 -7.68 2.56
N VAL A 130 -4.15 -7.26 1.28
CA VAL A 130 -2.91 -6.98 0.59
C VAL A 130 -2.87 -5.58 -0.06
N PHE A 131 -1.75 -4.88 0.15
CA PHE A 131 -1.35 -3.76 -0.68
C PHE A 131 -0.34 -4.29 -1.70
N ASP A 132 -0.67 -4.19 -2.98
CA ASP A 132 0.28 -4.55 -4.02
C ASP A 132 1.17 -3.35 -4.33
N ILE A 133 2.48 -3.56 -4.28
CA ILE A 133 3.42 -2.47 -4.45
C ILE A 133 4.34 -2.82 -5.61
N GLU A 134 4.28 -2.05 -6.69
CA GLU A 134 5.14 -2.26 -7.85
C GLU A 134 6.26 -1.23 -7.79
N VAL A 135 7.51 -1.71 -7.82
CA VAL A 135 8.68 -0.90 -7.53
C VAL A 135 9.59 -0.74 -8.75
N ALA A 136 9.84 0.50 -9.15
CA ALA A 136 10.72 0.76 -10.28
C ALA A 136 12.20 0.74 -9.87
N ALA A 137 12.69 -0.43 -9.47
CA ALA A 137 14.09 -0.62 -9.12
C ALA A 137 14.55 -2.01 -9.50
N THR A 138 15.57 -2.09 -10.36
CA THR A 138 16.16 -3.37 -10.76
C THR A 138 17.46 -3.69 -10.02
N ASP A 139 18.15 -2.67 -9.50
CA ASP A 139 19.38 -2.92 -8.77
C ASP A 139 19.04 -3.46 -7.39
N VAL A 140 19.72 -4.52 -6.98
CA VAL A 140 19.39 -5.20 -5.73
C VAL A 140 19.40 -4.21 -4.55
N ASP A 141 20.47 -3.44 -4.43
CA ASP A 141 20.57 -2.61 -3.23
C ASP A 141 19.57 -1.44 -3.25
N VAL A 142 19.30 -0.87 -4.42
CA VAL A 142 18.31 0.20 -4.53
C VAL A 142 16.93 -0.33 -4.16
N PHE A 143 16.57 -1.49 -4.72
CA PHE A 143 15.28 -2.12 -4.43
C PHE A 143 15.15 -2.35 -2.92
N CYS A 144 16.18 -2.94 -2.32
CA CYS A 144 16.11 -3.26 -0.91
C CYS A 144 16.02 -2.03 -0.04
N ASN A 145 16.75 -0.98 -0.41
CA ASN A 145 16.72 0.24 0.39
C ASN A 145 15.38 0.95 0.32
N ALA A 146 14.66 0.78 -0.79
CA ALA A 146 13.32 1.33 -0.90
C ALA A 146 12.31 0.52 -0.10
N VAL A 147 12.42 -0.80 -0.18
CA VAL A 147 11.42 -1.68 0.45
C VAL A 147 11.58 -1.77 1.98
N ARG A 148 12.81 -1.79 2.46
CA ARG A 148 12.97 -1.97 3.86
C ARG A 148 12.42 -0.90 4.75
N VAL A 149 12.35 0.30 4.25
CA VAL A 149 11.81 1.36 5.08
C VAL A 149 10.28 1.35 5.12
N LEU A 150 9.64 0.43 4.38
CA LEU A 150 8.18 0.31 4.46
C LEU A 150 7.71 -0.58 5.60
N GLU A 151 8.66 -1.14 6.34
CA GLU A 151 8.33 -2.09 7.41
C GLU A 151 7.19 -1.66 8.37
N PRO A 152 7.17 -0.39 8.80
CA PRO A 152 6.13 -0.03 9.79
C PRO A 152 4.71 -0.29 9.28
N THR A 153 4.54 -0.30 7.96
CA THR A 153 3.24 -0.41 7.33
C THR A 153 2.61 -1.81 7.43
N PHE A 154 3.47 -2.84 7.38
CA PHE A 154 3.04 -4.19 7.04
C PHE A 154 3.32 -5.24 8.10
N GLY A 155 2.48 -6.28 8.09
CA GLY A 155 2.66 -7.43 8.95
C GLY A 155 3.61 -8.45 8.33
N GLY A 156 3.75 -8.41 7.00
CA GLY A 156 4.68 -9.29 6.33
C GLY A 156 4.82 -8.87 4.87
N ILE A 157 5.86 -9.38 4.22
CA ILE A 157 6.19 -9.06 2.83
C ILE A 157 6.25 -10.33 1.98
N ASN A 158 5.42 -10.39 0.93
CA ASN A 158 5.50 -11.45 -0.07
C ASN A 158 6.16 -10.87 -1.33
N LEU A 159 7.42 -11.19 -1.54
CA LEU A 159 8.12 -10.81 -2.76
C LEU A 159 7.59 -11.66 -3.89
N GLU A 160 7.43 -11.09 -5.08
CA GLU A 160 6.85 -11.83 -6.18
C GLU A 160 7.43 -11.39 -7.50
N ASP A 161 7.70 -12.36 -8.37
CA ASP A 161 8.01 -12.08 -9.79
C ASP A 161 9.19 -11.14 -9.97
N ILE A 162 10.26 -11.53 -9.28
CA ILE A 162 11.57 -10.91 -9.36
C ILE A 162 12.49 -11.95 -9.96
N LYS A 163 13.25 -11.55 -10.96
CA LYS A 163 14.08 -12.53 -11.67
C LYS A 163 15.28 -12.98 -10.84
N ALA A 164 15.77 -14.18 -11.16
CA ALA A 164 17.05 -14.67 -10.64
C ALA A 164 18.22 -14.08 -11.42
N PRO A 165 19.38 -13.90 -10.79
CA PRO A 165 19.72 -14.20 -9.40
C PRO A 165 19.39 -13.07 -8.43
N GLU A 166 18.87 -11.96 -8.94
CA GLU A 166 18.60 -10.81 -8.09
C GLU A 166 17.66 -11.20 -6.94
N CYS A 167 16.72 -12.10 -7.21
CA CYS A 167 15.72 -12.46 -6.20
C CYS A 167 16.35 -13.18 -5.02
N PHE A 168 17.43 -13.92 -5.26
CA PHE A 168 18.09 -14.58 -4.14
C PHE A 168 18.74 -13.54 -3.24
N GLU A 169 19.43 -12.59 -3.85
CA GLU A 169 20.13 -11.57 -3.06
C GLU A 169 19.14 -10.65 -2.36
N ILE A 170 18.05 -10.32 -3.03
CA ILE A 170 17.02 -9.45 -2.43
C ILE A 170 16.36 -10.11 -1.24
N GLU A 171 15.91 -11.35 -1.41
CA GLU A 171 15.27 -12.02 -0.28
C GLU A 171 16.23 -12.17 0.91
N GLU A 172 17.47 -12.53 0.62
CA GLU A 172 18.46 -12.74 1.66
C GLU A 172 18.72 -11.47 2.44
N ARG A 173 18.88 -10.36 1.72
CA ARG A 173 19.16 -9.10 2.39
C ARG A 173 17.95 -8.58 3.18
N LEU A 174 16.75 -8.68 2.63
CA LEU A 174 15.58 -8.14 3.33
C LEU A 174 15.27 -8.98 4.56
N LYS A 175 15.52 -10.28 4.49
CA LYS A 175 15.28 -11.16 5.64
C LYS A 175 16.20 -10.75 6.79
N LYS A 176 17.38 -10.24 6.46
CA LYS A 176 18.32 -9.79 7.49
C LYS A 176 17.98 -8.40 8.02
N GLU A 177 17.53 -7.51 7.14
CA GLU A 177 17.34 -6.12 7.51
C GLU A 177 15.99 -5.85 8.17
N MET A 178 14.98 -6.64 7.83
CA MET A 178 13.62 -6.35 8.29
C MET A 178 13.19 -7.25 9.46
N ASN A 179 12.34 -6.71 10.34
CA ASN A 179 11.88 -7.45 11.52
C ASN A 179 10.45 -7.96 11.35
N ILE A 180 10.04 -8.15 10.09
CA ILE A 180 8.78 -8.78 9.76
C ILE A 180 9.07 -9.88 8.73
N PRO A 181 8.15 -10.85 8.57
CA PRO A 181 8.40 -11.94 7.62
C PRO A 181 8.62 -11.44 6.20
N VAL A 182 9.61 -12.02 5.53
CA VAL A 182 9.89 -11.73 4.15
C VAL A 182 9.99 -13.08 3.44
N PHE A 183 9.22 -13.24 2.38
CA PHE A 183 9.06 -14.57 1.75
C PHE A 183 8.86 -14.37 0.27
N HIS A 184 9.75 -14.96 -0.55
CA HIS A 184 9.56 -14.89 -2.00
C HIS A 184 8.86 -16.15 -2.49
N ASP A 185 7.57 -16.04 -2.76
CA ASP A 185 6.78 -17.24 -3.07
C ASP A 185 7.24 -17.99 -4.33
N ASP A 186 7.77 -17.29 -5.33
CA ASP A 186 8.22 -18.01 -6.53
C ASP A 186 9.38 -18.92 -6.21
N GLN A 187 10.14 -18.56 -5.18
CA GLN A 187 11.29 -19.37 -4.78
C GLN A 187 10.86 -20.60 -4.02
N HIS A 188 9.87 -20.47 -3.15
CA HIS A 188 9.64 -21.51 -2.15
C HIS A 188 8.34 -22.29 -2.26
N GLY A 189 7.35 -21.74 -2.96
CA GLY A 189 6.03 -22.35 -3.00
C GLY A 189 6.06 -23.72 -3.65
N THR A 190 6.73 -23.83 -4.79
CA THR A 190 6.84 -25.10 -5.50
C THR A 190 7.55 -26.14 -4.64
N ALA A 191 8.60 -25.72 -3.95
CA ALA A 191 9.37 -26.62 -3.09
C ALA A 191 8.54 -27.17 -1.94
N ILE A 192 7.77 -26.30 -1.31
CA ILE A 192 6.95 -26.69 -0.17
C ILE A 192 5.86 -27.68 -0.60
N VAL A 193 5.16 -27.38 -1.68
CA VAL A 193 4.02 -28.19 -2.06
C VAL A 193 4.51 -29.51 -2.67
N SER A 194 5.57 -29.45 -3.47
CA SER A 194 6.10 -30.67 -4.08
C SER A 194 6.82 -31.51 -3.03
N GLY A 195 7.35 -30.86 -2.00
CA GLY A 195 7.92 -31.57 -0.86
C GLY A 195 6.90 -32.47 -0.18
N ALA A 196 5.71 -31.91 0.05
CA ALA A 196 4.60 -32.67 0.62
C ALA A 196 4.16 -33.82 -0.29
N ALA A 197 4.07 -33.57 -1.58
CA ALA A 197 3.71 -34.62 -2.53
C ALA A 197 4.78 -35.73 -2.57
N LEU A 198 6.05 -35.31 -2.50
CA LEU A 198 7.16 -36.25 -2.49
C LEU A 198 7.14 -37.14 -1.24
N LEU A 199 6.82 -36.54 -0.09
CA LEU A 199 6.65 -37.28 1.15
C LEU A 199 5.62 -38.39 1.02
N ASN A 200 4.50 -38.06 0.38
CA ASN A 200 3.43 -39.04 0.27
C ASN A 200 3.75 -40.10 -0.80
N ALA A 201 4.39 -39.68 -1.88
CA ALA A 201 4.80 -40.60 -2.94
C ALA A 201 5.78 -41.64 -2.41
N CYS A 202 6.67 -41.22 -1.52
CA CYS A 202 7.65 -42.12 -0.93
C CYS A 202 6.97 -43.11 0.00
N SER A 203 6.02 -42.61 0.78
CA SER A 203 5.24 -43.45 1.69
C SER A 203 4.53 -44.56 0.94
N ILE A 204 3.94 -44.21 -0.20
CA ILE A 204 3.16 -45.13 -1.01
C ILE A 204 4.04 -46.18 -1.69
N THR A 205 5.28 -45.82 -2.01
CA THR A 205 6.18 -46.75 -2.69
C THR A 205 7.27 -47.30 -1.78
N ASN A 206 7.00 -47.32 -0.48
CA ASN A 206 7.89 -47.93 0.50
C ASN A 206 9.32 -47.42 0.40
N ARG A 207 9.46 -46.10 0.28
CA ARG A 207 10.77 -45.48 0.11
C ARG A 207 11.16 -44.68 1.36
N LYS A 208 12.47 -44.68 1.67
CA LYS A 208 13.00 -43.85 2.74
C LYS A 208 13.75 -42.67 2.13
N MET A 209 13.51 -41.47 2.65
CA MET A 209 14.05 -40.26 2.02
C MET A 209 15.57 -40.25 1.91
N GLU A 210 16.25 -40.81 2.90
CA GLU A 210 17.71 -40.75 2.89
C GLU A 210 18.37 -41.60 1.79
N THR A 211 17.57 -42.38 1.06
CA THR A 211 18.15 -43.19 -0.03
C THR A 211 17.55 -42.85 -1.40
N VAL A 212 16.57 -41.94 -1.41
CA VAL A 212 15.93 -41.51 -2.65
C VAL A 212 16.86 -40.70 -3.53
N ARG A 213 16.96 -41.05 -4.81
CA ARG A 213 17.82 -40.32 -5.73
C ARG A 213 17.01 -39.34 -6.55
N ILE A 214 17.35 -38.06 -6.42
CA ILE A 214 16.54 -36.99 -6.99
C ILE A 214 17.31 -36.24 -8.07
N VAL A 215 16.63 -35.97 -9.17
CA VAL A 215 17.24 -35.18 -10.23
C VAL A 215 16.36 -33.96 -10.53
N VAL A 216 16.94 -32.79 -10.34
CA VAL A 216 16.24 -31.53 -10.60
C VAL A 216 16.68 -30.96 -11.94
N ASN A 217 15.72 -30.66 -12.80
CA ASN A 217 16.02 -30.11 -14.12
C ASN A 217 15.53 -28.69 -14.23
N GLY A 218 16.46 -27.75 -14.33
CA GLY A 218 16.15 -26.34 -14.36
C GLY A 218 16.89 -25.66 -13.23
N ALA A 219 17.34 -24.43 -13.46
CA ALA A 219 18.06 -23.68 -12.45
C ALA A 219 17.41 -22.33 -12.21
N GLY A 220 16.08 -22.29 -12.30
CA GLY A 220 15.34 -21.07 -12.10
C GLY A 220 15.18 -20.71 -10.64
N ALA A 221 14.24 -19.80 -10.36
CA ALA A 221 14.05 -19.29 -9.00
C ALA A 221 13.65 -20.35 -7.98
N SER A 222 13.04 -21.44 -8.41
CA SER A 222 12.52 -22.40 -7.43
C SER A 222 13.39 -23.65 -7.29
N ALA A 223 14.43 -23.75 -8.09
CA ALA A 223 15.27 -24.96 -8.15
C ALA A 223 15.97 -25.29 -6.82
N ASN A 224 16.82 -24.38 -6.36
CA ASN A 224 17.58 -24.57 -5.13
C ASN A 224 16.71 -24.82 -3.91
N SER A 225 15.57 -24.14 -3.85
CA SER A 225 14.68 -24.30 -2.72
C SER A 225 14.11 -25.72 -2.66
N CYS A 226 13.88 -26.32 -3.82
CA CYS A 226 13.41 -27.71 -3.84
C CYS A 226 14.45 -28.60 -3.19
N ALA A 227 15.72 -28.40 -3.55
CA ALA A 227 16.77 -29.25 -3.01
C ALA A 227 16.91 -29.06 -1.49
N LYS A 228 16.79 -27.81 -1.05
CA LYS A 228 16.93 -27.50 0.37
C LYS A 228 15.81 -28.12 1.20
N ILE A 229 14.58 -28.04 0.69
CA ILE A 229 13.43 -28.64 1.37
C ILE A 229 13.53 -30.17 1.37
N PHE A 230 13.93 -30.76 0.25
CA PHE A 230 14.05 -32.21 0.17
C PHE A 230 15.09 -32.70 1.19
N ILE A 231 16.22 -32.00 1.29
CA ILE A 231 17.22 -32.33 2.29
C ILE A 231 16.65 -32.16 3.71
N ALA A 232 15.90 -31.08 3.93
CA ALA A 232 15.23 -30.88 5.20
C ALA A 232 14.24 -32.00 5.52
N LEU A 233 13.73 -32.65 4.48
CA LEU A 233 12.82 -33.80 4.65
C LEU A 233 13.60 -35.11 4.82
N GLY A 234 14.92 -35.05 4.74
CA GLY A 234 15.75 -36.20 5.02
C GLY A 234 16.49 -36.79 3.83
N ALA A 235 16.29 -36.22 2.65
CA ALA A 235 17.08 -36.62 1.49
C ALA A 235 18.53 -36.24 1.73
N ARG A 236 19.45 -36.93 1.05
CA ARG A 236 20.85 -36.63 1.24
C ARG A 236 21.37 -35.80 0.07
N ARG A 237 22.17 -34.80 0.40
CA ARG A 237 22.76 -33.90 -0.59
C ARG A 237 23.40 -34.67 -1.74
N GLU A 238 24.05 -35.79 -1.42
CA GLU A 238 24.77 -36.58 -2.41
C GLU A 238 23.82 -37.33 -3.35
N ASN A 239 22.56 -37.42 -2.96
CA ASN A 239 21.57 -38.12 -3.77
C ASN A 239 20.80 -37.19 -4.70
N ILE A 240 21.16 -35.91 -4.68
CA ILE A 240 20.50 -34.92 -5.50
C ILE A 240 21.41 -34.39 -6.61
N ILE A 241 20.93 -34.45 -7.84
CA ILE A 241 21.66 -33.89 -8.97
C ILE A 241 20.84 -32.78 -9.62
N MET A 242 21.45 -31.60 -9.75
CA MET A 242 20.81 -30.46 -10.39
C MET A 242 21.32 -30.32 -11.83
N CYS A 243 20.40 -30.01 -12.74
CA CYS A 243 20.75 -29.83 -14.14
C CYS A 243 20.19 -28.53 -14.66
N ASP A 244 20.87 -27.94 -15.64
CA ASP A 244 20.35 -26.79 -16.34
C ASP A 244 20.38 -27.05 -17.84
N SER A 245 20.23 -25.99 -18.62
CA SER A 245 20.19 -26.10 -20.08
C SER A 245 21.46 -26.71 -20.65
N GLN A 246 22.59 -26.52 -19.96
CA GLN A 246 23.87 -27.02 -20.44
C GLN A 246 24.18 -28.44 -19.95
N GLY A 247 23.33 -28.98 -19.08
CA GLY A 247 23.54 -30.32 -18.55
C GLY A 247 23.75 -30.35 -17.05
N VAL A 248 24.35 -31.44 -16.57
CA VAL A 248 24.57 -31.64 -15.15
C VAL A 248 25.48 -30.58 -14.55
N ILE A 249 25.08 -30.03 -13.41
CA ILE A 249 25.92 -29.10 -12.67
C ILE A 249 26.82 -29.88 -11.72
N TYR A 250 28.07 -30.10 -12.17
CA TYR A 250 29.05 -30.86 -11.40
C TYR A 250 30.12 -29.93 -10.85
N LYS A 251 30.72 -30.30 -9.73
CA LYS A 251 31.80 -29.47 -9.17
C LYS A 251 32.99 -29.46 -10.11
N GLY A 252 33.52 -28.28 -10.36
CA GLY A 252 34.61 -28.10 -11.29
C GLY A 252 34.12 -27.44 -12.57
N ARG A 253 32.84 -27.63 -12.89
CA ARG A 253 32.25 -27.00 -14.06
C ARG A 253 32.34 -25.48 -13.90
N THR A 254 32.58 -24.79 -15.02
CA THR A 254 32.77 -23.35 -14.99
C THR A 254 31.75 -22.66 -15.87
N ALA A 255 31.43 -23.30 -17.00
CA ALA A 255 30.52 -22.72 -17.97
C ALA A 255 29.11 -22.59 -17.41
N GLY A 256 28.54 -21.39 -17.53
CA GLY A 256 27.20 -21.14 -17.08
C GLY A 256 27.02 -21.24 -15.58
N MET A 257 28.14 -21.30 -14.86
CA MET A 257 28.10 -21.43 -13.41
C MET A 257 27.88 -20.10 -12.71
N ASN A 258 27.55 -20.19 -11.43
CA ASN A 258 27.44 -19.06 -10.53
C ASN A 258 27.41 -19.54 -9.09
N LYS A 259 27.28 -18.61 -8.16
CA LYS A 259 27.30 -18.91 -6.74
C LYS A 259 26.24 -19.93 -6.31
N TYR A 260 25.07 -19.86 -6.94
CA TYR A 260 23.92 -20.64 -6.50
C TYR A 260 23.93 -22.06 -7.06
N LYS A 261 24.25 -22.20 -8.34
CA LYS A 261 24.41 -23.52 -8.94
C LYS A 261 25.53 -24.28 -8.24
N GLU A 262 26.50 -23.54 -7.72
CA GLU A 262 27.69 -24.16 -7.15
C GLU A 262 27.41 -24.88 -5.83
N TYR A 263 26.43 -24.40 -5.08
CA TYR A 263 26.17 -24.99 -3.78
C TYR A 263 25.77 -26.46 -3.89
N PHE A 264 24.84 -26.77 -4.79
CA PHE A 264 24.34 -28.12 -4.91
C PHE A 264 25.02 -28.89 -6.05
N ALA A 265 26.18 -28.41 -6.49
CA ALA A 265 26.94 -29.10 -7.53
C ALA A 265 27.32 -30.51 -7.05
N SER A 266 27.28 -31.47 -7.97
CA SER A 266 27.38 -32.89 -7.61
C SER A 266 28.74 -33.51 -7.94
N GLU A 267 29.04 -34.62 -7.27
CA GLU A 267 30.25 -35.40 -7.54
C GLU A 267 30.05 -36.32 -8.73
N THR A 268 28.79 -36.50 -9.12
CA THR A 268 28.42 -37.49 -10.12
C THR A 268 29.28 -37.42 -11.38
N GLU A 269 29.50 -38.56 -11.99
CA GLU A 269 30.26 -38.62 -13.23
C GLU A 269 29.35 -38.29 -14.40
N ALA A 270 28.06 -38.17 -14.11
CA ALA A 270 27.06 -37.83 -15.12
C ALA A 270 27.23 -36.41 -15.61
N ARG A 271 26.93 -36.18 -16.88
CA ARG A 271 27.07 -34.86 -17.48
C ARG A 271 25.81 -34.42 -18.21
N THR A 272 24.97 -35.38 -18.61
CA THR A 272 23.69 -35.05 -19.22
C THR A 272 22.55 -35.50 -18.31
N LEU A 273 21.38 -34.91 -18.53
CA LEU A 273 20.17 -35.29 -17.79
C LEU A 273 19.85 -36.77 -17.97
N THR A 274 20.08 -37.28 -19.17
CA THR A 274 19.82 -38.67 -19.48
C THR A 274 20.63 -39.60 -18.57
N GLU A 275 21.90 -39.27 -18.39
CA GLU A 275 22.76 -40.08 -17.54
C GLU A 275 22.43 -39.92 -16.06
N ALA A 276 22.10 -38.70 -15.65
CA ALA A 276 21.74 -38.43 -14.25
C ALA A 276 20.46 -39.16 -13.86
N LEU A 277 19.57 -39.36 -14.83
CA LEU A 277 18.28 -39.99 -14.57
C LEU A 277 18.31 -41.52 -14.51
N ARG A 278 19.39 -42.13 -14.99
CA ARG A 278 19.48 -43.59 -14.97
C ARG A 278 19.39 -44.13 -13.56
N GLY A 279 18.35 -44.92 -13.30
CA GLY A 279 18.09 -45.48 -11.99
C GLY A 279 17.55 -44.48 -10.97
N ALA A 280 17.31 -43.25 -11.40
CA ALA A 280 16.82 -42.22 -10.47
C ALA A 280 15.40 -42.53 -10.00
N ASP A 281 15.08 -42.03 -8.82
CA ASP A 281 13.76 -42.23 -8.22
C ASP A 281 12.81 -41.07 -8.52
N VAL A 282 13.34 -39.86 -8.50
CA VAL A 282 12.52 -38.68 -8.63
C VAL A 282 13.06 -37.71 -9.68
N PHE A 283 12.19 -37.29 -10.59
CA PHE A 283 12.50 -36.22 -11.53
C PHE A 283 11.71 -34.95 -11.18
N VAL A 284 12.43 -33.88 -10.85
CA VAL A 284 11.79 -32.61 -10.58
C VAL A 284 12.01 -31.70 -11.79
N GLY A 285 10.97 -31.53 -12.59
CA GLY A 285 11.09 -30.79 -13.83
C GLY A 285 10.66 -29.34 -13.70
N LEU A 286 11.63 -28.43 -13.78
CA LEU A 286 11.35 -27.01 -13.79
C LEU A 286 11.93 -26.43 -15.08
N SER A 287 11.62 -27.09 -16.20
CA SER A 287 12.25 -26.78 -17.47
C SER A 287 11.25 -26.48 -18.58
N VAL A 288 11.25 -27.32 -19.62
CA VAL A 288 10.37 -27.11 -20.77
C VAL A 288 9.69 -28.40 -21.22
N ALA A 289 8.59 -28.25 -21.94
CA ALA A 289 7.83 -29.39 -22.44
C ALA A 289 8.73 -30.32 -23.24
N GLY A 290 8.56 -31.63 -23.03
CA GLY A 290 9.30 -32.62 -23.78
C GLY A 290 10.71 -32.90 -23.25
N ALA A 291 11.08 -32.21 -22.18
CA ALA A 291 12.41 -32.38 -21.59
C ALA A 291 12.58 -33.78 -21.00
N LEU A 292 11.45 -34.44 -20.71
CA LEU A 292 11.48 -35.82 -20.25
C LEU A 292 10.99 -36.72 -21.38
N THR A 293 11.84 -37.68 -21.77
CA THR A 293 11.53 -38.60 -22.85
C THR A 293 11.30 -40.00 -22.33
N PRO A 294 10.61 -40.85 -23.11
CA PRO A 294 10.44 -42.26 -22.77
C PRO A 294 11.75 -42.97 -22.43
N GLU A 295 12.83 -42.63 -23.12
CA GLU A 295 14.13 -43.25 -22.86
C GLU A 295 14.67 -42.96 -21.48
N MET A 296 14.64 -41.69 -21.08
CA MET A 296 14.99 -41.30 -19.73
C MET A 296 14.06 -42.00 -18.74
N LEU A 297 12.78 -42.03 -19.09
CA LEU A 297 11.77 -42.67 -18.28
C LEU A 297 11.99 -44.18 -18.20
N LYS A 298 12.36 -44.77 -19.34
CA LYS A 298 12.73 -46.18 -19.45
C LYS A 298 13.67 -46.64 -18.34
N ASP A 299 14.68 -45.83 -18.06
CA ASP A 299 15.77 -46.21 -17.16
C ASP A 299 15.69 -45.68 -15.73
N MET A 300 14.61 -45.01 -15.37
CA MET A 300 14.42 -44.64 -13.96
C MET A 300 14.05 -45.89 -13.15
N ALA A 301 14.24 -45.81 -11.84
CA ALA A 301 13.91 -46.92 -10.94
C ALA A 301 12.42 -47.26 -11.01
N LYS A 302 12.06 -48.41 -10.47
CA LYS A 302 10.66 -48.82 -10.46
C LYS A 302 9.83 -47.82 -9.65
N ASP A 303 8.57 -47.66 -10.02
CA ASP A 303 7.67 -46.66 -9.44
C ASP A 303 8.26 -45.25 -9.50
N PRO A 304 8.64 -44.79 -10.70
CA PRO A 304 9.31 -43.49 -10.75
C PRO A 304 8.36 -42.35 -10.36
N ILE A 305 8.91 -41.35 -9.69
CA ILE A 305 8.14 -40.21 -9.23
C ILE A 305 8.49 -38.97 -10.06
N ILE A 306 7.49 -38.46 -10.78
CA ILE A 306 7.72 -37.42 -11.77
C ILE A 306 6.95 -36.14 -11.47
N PHE A 307 7.68 -35.07 -11.12
CA PHE A 307 7.10 -33.73 -11.04
C PHE A 307 7.37 -32.98 -12.34
N ALA A 308 6.34 -32.83 -13.16
CA ALA A 308 6.50 -32.12 -14.42
C ALA A 308 5.89 -30.73 -14.29
N MET A 309 6.70 -29.79 -13.79
CA MET A 309 6.22 -28.46 -13.40
C MET A 309 6.37 -27.39 -14.47
N ALA A 310 6.95 -27.75 -15.61
CA ALA A 310 7.06 -26.78 -16.68
C ALA A 310 5.66 -26.32 -17.06
N ASN A 311 5.50 -25.12 -17.55
CA ASN A 311 4.19 -24.68 -17.97
C ASN A 311 4.34 -23.62 -19.04
N PRO A 312 3.35 -23.36 -19.85
CA PRO A 312 2.02 -24.01 -19.91
C PRO A 312 2.03 -25.53 -20.07
N GLU A 313 3.01 -26.09 -20.77
CA GLU A 313 3.03 -27.53 -21.00
C GLU A 313 4.06 -28.26 -20.13
N PRO A 314 3.63 -29.35 -19.48
CA PRO A 314 4.48 -30.20 -18.64
C PRO A 314 5.60 -30.86 -19.44
N GLU A 315 6.67 -31.26 -18.78
CA GLU A 315 7.77 -31.99 -19.44
C GLU A 315 7.25 -33.22 -20.15
N ILE A 316 6.19 -33.82 -19.59
CA ILE A 316 5.50 -34.93 -20.22
C ILE A 316 4.12 -35.04 -19.56
N THR A 317 3.13 -35.45 -20.34
CA THR A 317 1.78 -35.61 -19.82
C THR A 317 1.68 -36.90 -19.01
N PRO A 318 0.74 -36.96 -18.05
CA PRO A 318 0.51 -38.18 -17.26
C PRO A 318 0.27 -39.42 -18.13
N ASP A 319 -0.49 -39.27 -19.20
CA ASP A 319 -0.79 -40.39 -20.09
C ASP A 319 0.44 -40.87 -20.85
N LYS A 320 1.19 -39.93 -21.42
CA LYS A 320 2.41 -40.28 -22.12
C LYS A 320 3.44 -40.87 -21.16
N ALA A 321 3.39 -40.46 -19.90
CA ALA A 321 4.27 -41.01 -18.89
C ALA A 321 3.91 -42.45 -18.57
N ARG A 322 2.62 -42.71 -18.35
CA ARG A 322 2.18 -44.03 -17.92
C ARG A 322 2.19 -45.01 -19.08
N ALA A 323 2.10 -44.49 -20.29
CA ALA A 323 2.21 -45.31 -21.50
C ALA A 323 3.61 -45.90 -21.58
N ALA A 324 4.62 -45.14 -21.17
CA ALA A 324 6.01 -45.61 -21.18
C ALA A 324 6.32 -46.37 -19.90
N ARG A 325 5.83 -45.85 -18.78
CA ARG A 325 6.02 -46.48 -17.47
C ARG A 325 4.71 -46.48 -16.71
N PRO A 326 3.99 -47.60 -16.72
CA PRO A 326 2.70 -47.71 -16.03
C PRO A 326 2.82 -47.59 -14.50
N ASP A 327 4.03 -47.73 -13.97
CA ASP A 327 4.25 -47.61 -12.53
C ASP A 327 4.62 -46.17 -12.14
N ALA A 328 4.58 -45.27 -13.11
CA ALA A 328 4.99 -43.89 -12.87
C ALA A 328 3.96 -43.13 -12.09
N ILE A 329 4.43 -42.40 -11.09
CA ILE A 329 3.62 -41.45 -10.33
C ILE A 329 3.93 -40.04 -10.80
N ILE A 330 2.90 -39.26 -11.11
CA ILE A 330 3.15 -37.97 -11.73
C ILE A 330 2.33 -36.84 -11.12
N ALA A 331 3.01 -35.72 -10.94
CA ALA A 331 2.40 -34.49 -10.47
C ALA A 331 2.73 -33.38 -11.47
N THR A 332 1.81 -32.47 -11.71
CA THR A 332 2.10 -31.35 -12.60
C THR A 332 1.62 -30.02 -12.07
N GLY A 333 1.92 -28.97 -12.79
CA GLY A 333 1.47 -27.65 -12.39
C GLY A 333 0.07 -27.35 -12.90
N ARG A 334 -0.56 -28.32 -13.57
CA ARG A 334 -1.84 -28.10 -14.24
C ARG A 334 -3.03 -28.70 -13.50
N SER A 335 -4.14 -27.96 -13.46
CA SER A 335 -5.34 -28.43 -12.78
C SER A 335 -6.14 -29.44 -13.60
N ASP A 336 -5.71 -29.70 -14.84
CA ASP A 336 -6.35 -30.73 -15.66
C ASP A 336 -6.07 -32.11 -15.09
N TYR A 337 -4.84 -32.30 -14.62
CA TYR A 337 -4.37 -33.61 -14.19
C TYR A 337 -4.40 -33.74 -12.68
N PRO A 338 -4.43 -34.99 -12.19
CA PRO A 338 -4.32 -35.22 -10.75
C PRO A 338 -3.04 -34.63 -10.16
N ASN A 339 -3.02 -34.46 -8.84
CA ASN A 339 -1.84 -34.01 -8.09
C ASN A 339 -1.26 -32.68 -8.57
N GLN A 340 -2.10 -31.65 -8.68
CA GLN A 340 -1.60 -30.36 -9.10
C GLN A 340 -0.78 -29.71 -8.01
N VAL A 341 0.46 -29.37 -8.35
CA VAL A 341 1.32 -28.62 -7.46
C VAL A 341 1.04 -27.16 -7.68
N ASN A 342 0.18 -26.60 -6.82
CA ASN A 342 -0.32 -25.24 -6.92
C ASN A 342 0.20 -24.43 -5.74
N ASN A 343 0.83 -23.29 -6.00
CA ASN A 343 1.38 -22.49 -4.91
C ASN A 343 0.35 -21.98 -3.93
N VAL A 344 -0.91 -21.94 -4.34
CA VAL A 344 -1.94 -21.44 -3.43
C VAL A 344 -2.15 -22.38 -2.23
N LEU A 345 -1.59 -23.58 -2.30
CA LEU A 345 -1.63 -24.49 -1.15
C LEU A 345 -0.67 -24.08 -0.04
N GLY A 346 0.29 -23.22 -0.36
CA GLY A 346 1.33 -22.85 0.58
C GLY A 346 1.20 -21.48 1.21
N PHE A 347 1.50 -20.42 0.44
CA PHE A 347 1.62 -19.09 1.02
C PHE A 347 0.41 -18.57 1.85
N PRO A 348 -0.84 -18.89 1.48
CA PRO A 348 -1.91 -18.33 2.33
C PRO A 348 -1.83 -18.83 3.78
N SER A 349 -1.60 -20.12 3.98
CA SER A 349 -1.50 -20.66 5.35
C SER A 349 -0.22 -20.23 6.06
N ILE A 350 0.88 -20.18 5.32
CA ILE A 350 2.14 -19.75 5.88
C ILE A 350 2.06 -18.33 6.41
N PHE A 351 1.53 -17.40 5.61
CA PHE A 351 1.37 -16.04 6.11
C PHE A 351 0.29 -15.95 7.20
N ARG A 352 -0.78 -16.73 7.09
CA ARG A 352 -1.81 -16.72 8.12
C ARG A 352 -1.23 -17.10 9.49
N GLY A 353 -0.44 -18.16 9.52
CA GLY A 353 0.19 -18.61 10.77
C GLY A 353 1.20 -17.62 11.30
N ALA A 354 1.98 -17.04 10.38
CA ALA A 354 2.98 -16.02 10.74
C ALA A 354 2.32 -14.78 11.31
N LEU A 355 1.25 -14.33 10.66
CA LEU A 355 0.54 -13.13 11.13
C LEU A 355 -0.15 -13.35 12.47
N ASP A 356 -0.79 -14.50 12.62
CA ASP A 356 -1.54 -14.81 13.85
C ASP A 356 -0.63 -14.83 15.06
N THR A 357 0.62 -15.23 14.87
CA THR A 357 1.61 -15.22 15.97
C THR A 357 2.47 -13.95 16.00
N ARG A 358 2.13 -12.97 15.17
CA ARG A 358 2.91 -11.74 15.03
C ARG A 358 4.42 -12.05 14.94
N SER A 359 4.74 -13.05 14.11
CA SER A 359 6.11 -13.51 13.94
C SER A 359 6.99 -12.47 13.28
N THR A 360 8.28 -12.53 13.56
CA THR A 360 9.21 -11.62 12.95
C THR A 360 9.84 -12.24 11.70
N GLN A 361 9.65 -13.54 11.52
CA GLN A 361 10.17 -14.27 10.34
C GLN A 361 9.22 -15.37 9.85
N ILE A 362 9.37 -15.75 8.58
CA ILE A 362 8.95 -17.08 8.12
C ILE A 362 10.24 -17.86 7.94
N ASN A 363 10.50 -18.80 8.85
CA ASN A 363 11.77 -19.52 8.81
C ASN A 363 11.59 -20.92 8.24
N GLU A 364 12.68 -21.68 8.16
CA GLU A 364 12.64 -23.01 7.57
C GLU A 364 11.76 -23.96 8.36
N GLU A 365 11.70 -23.76 9.69
CA GLU A 365 10.85 -24.57 10.56
C GLU A 365 9.37 -24.40 10.23
N MET A 366 8.97 -23.18 9.91
CA MET A 366 7.61 -22.89 9.55
C MET A 366 7.29 -23.44 8.15
N LYS A 367 8.26 -23.38 7.24
CA LYS A 367 8.07 -23.95 5.91
C LYS A 367 7.91 -25.47 6.00
N LEU A 368 8.73 -26.10 6.82
CA LEU A 368 8.70 -27.55 6.99
C LEU A 368 7.39 -27.97 7.64
N ALA A 369 6.88 -27.15 8.55
CA ALA A 369 5.61 -27.44 9.22
C ALA A 369 4.48 -27.46 8.20
N ALA A 370 4.53 -26.54 7.23
CA ALA A 370 3.55 -26.48 6.17
C ALA A 370 3.60 -27.74 5.30
N VAL A 371 4.82 -28.19 4.99
CA VAL A 371 5.03 -29.41 4.17
C VAL A 371 4.37 -30.62 4.81
N HIS A 372 4.65 -30.83 6.09
CA HIS A 372 4.14 -32.01 6.78
C HIS A 372 2.63 -31.95 6.96
N ALA A 373 2.11 -30.75 7.22
CA ALA A 373 0.66 -30.58 7.40
C ALA A 373 -0.08 -30.83 6.10
N LEU A 374 0.46 -30.34 4.99
CA LEU A 374 -0.12 -30.56 3.67
C LEU A 374 -0.15 -32.04 3.36
N ALA A 375 0.97 -32.71 3.65
CA ALA A 375 1.10 -34.14 3.37
C ALA A 375 0.08 -34.92 4.19
N LYS A 376 -0.05 -34.57 5.45
CA LYS A 376 -0.95 -35.29 6.34
C LYS A 376 -2.41 -35.07 5.94
N LEU A 377 -2.73 -33.89 5.42
CA LEU A 377 -4.11 -33.59 5.05
C LEU A 377 -4.57 -34.49 3.90
N ALA A 378 -3.67 -34.79 2.95
CA ALA A 378 -4.01 -35.61 1.80
C ALA A 378 -4.38 -37.04 2.19
N ARG A 379 -3.86 -37.49 3.33
CA ARG A 379 -4.17 -38.86 3.79
C ARG A 379 -5.58 -39.01 4.35
N GLU A 380 -6.14 -37.91 4.86
CA GLU A 380 -7.50 -37.92 5.38
C GLU A 380 -8.55 -38.21 4.33
N ASP A 381 -9.72 -38.67 4.77
CA ASP A 381 -10.86 -38.85 3.88
C ASP A 381 -11.23 -37.54 3.21
N VAL A 382 -11.58 -37.60 1.94
CA VAL A 382 -12.00 -36.41 1.21
C VAL A 382 -13.49 -36.18 1.35
N PRO A 383 -13.87 -35.02 1.93
CA PRO A 383 -15.26 -34.65 2.22
C PRO A 383 -16.14 -34.60 0.98
N ASP A 384 -17.45 -34.62 1.17
CA ASP A 384 -18.41 -34.62 0.07
C ASP A 384 -18.26 -33.42 -0.86
N LYS A 385 -18.16 -32.22 -0.28
CA LYS A 385 -18.22 -31.01 -1.09
C LYS A 385 -16.94 -30.80 -1.91
N VAL A 386 -15.82 -31.34 -1.46
CA VAL A 386 -14.61 -31.34 -2.29
C VAL A 386 -14.89 -32.09 -3.58
N SER A 387 -15.48 -33.27 -3.46
CA SER A 387 -15.94 -34.03 -4.62
C SER A 387 -16.91 -33.19 -5.44
N ALA A 388 -17.85 -32.54 -4.75
CA ALA A 388 -18.83 -31.68 -5.39
C ALA A 388 -18.16 -30.54 -6.16
N THR A 389 -17.15 -29.93 -5.54
CA THR A 389 -16.41 -28.84 -6.17
C THR A 389 -15.74 -29.30 -7.46
N TYR A 390 -15.27 -30.55 -7.48
CA TYR A 390 -14.55 -31.07 -8.63
C TYR A 390 -15.37 -32.08 -9.45
N GLY A 391 -16.65 -31.78 -9.63
CA GLY A 391 -17.51 -32.52 -10.53
C GLY A 391 -17.86 -33.94 -10.12
N GLY A 392 -17.96 -34.19 -8.81
CA GLY A 392 -18.37 -35.49 -8.32
C GLY A 392 -17.29 -36.54 -8.37
N LYS A 393 -16.07 -36.10 -8.69
CA LYS A 393 -14.90 -36.98 -8.73
C LYS A 393 -14.54 -37.46 -7.33
N SER A 394 -14.32 -38.75 -7.17
CA SER A 394 -13.96 -39.29 -5.86
C SER A 394 -12.44 -39.38 -5.70
N PHE A 395 -11.94 -38.87 -4.59
CA PHE A 395 -10.52 -38.90 -4.30
C PHE A 395 -10.24 -39.74 -3.07
N LYS A 396 -9.21 -40.57 -3.15
CA LYS A 396 -8.71 -41.25 -1.98
C LYS A 396 -7.19 -41.26 -2.05
N PHE A 397 -6.55 -41.21 -0.90
CA PHE A 397 -5.10 -41.12 -0.83
C PHE A 397 -4.42 -42.25 -1.61
N GLY A 398 -3.58 -41.87 -2.57
CA GLY A 398 -2.87 -42.83 -3.38
C GLY A 398 -2.09 -42.14 -4.47
N ARG A 399 -1.74 -42.90 -5.51
CA ARG A 399 -0.96 -42.39 -6.62
C ARG A 399 -1.65 -41.27 -7.38
N ASP A 400 -2.97 -41.19 -7.26
CA ASP A 400 -3.73 -40.18 -8.00
C ASP A 400 -4.18 -39.05 -7.10
N TYR A 401 -3.87 -39.16 -5.81
CA TYR A 401 -4.22 -38.13 -4.84
C TYR A 401 -3.16 -38.04 -3.74
N LEU A 402 -2.12 -37.26 -4.02
CA LEU A 402 -0.95 -37.13 -3.14
C LEU A 402 -0.94 -35.87 -2.28
N ILE A 403 -1.71 -34.87 -2.68
CA ILE A 403 -1.79 -33.61 -1.95
C ILE A 403 -3.22 -33.08 -1.99
N PRO A 404 -3.58 -32.17 -1.07
CA PRO A 404 -4.94 -31.66 -1.12
C PRO A 404 -5.22 -30.92 -2.43
N LYS A 405 -6.49 -30.82 -2.80
CA LYS A 405 -6.90 -29.98 -3.92
C LYS A 405 -6.82 -28.51 -3.51
N PRO A 406 -6.54 -27.62 -4.46
CA PRO A 406 -6.40 -26.19 -4.15
C PRO A 406 -7.68 -25.57 -3.57
N PHE A 407 -8.84 -26.05 -3.97
CA PHE A 407 -10.08 -25.45 -3.47
C PHE A 407 -10.69 -26.25 -2.32
N ASP A 408 -9.87 -27.06 -1.68
CA ASP A 408 -10.24 -27.74 -0.44
C ASP A 408 -10.12 -26.74 0.70
N THR A 409 -11.26 -26.41 1.32
CA THR A 409 -11.27 -25.36 2.34
C THR A 409 -10.66 -25.81 3.66
N ARG A 410 -10.30 -27.09 3.77
CA ARG A 410 -9.66 -27.59 4.98
C ARG A 410 -8.21 -27.15 5.10
N VAL A 411 -7.58 -26.78 3.98
CA VAL A 411 -6.14 -26.50 3.97
C VAL A 411 -5.75 -25.45 5.00
N LEU A 412 -6.46 -24.31 5.01
CA LEU A 412 -6.12 -23.20 5.91
C LEU A 412 -6.21 -23.65 7.36
N LEU A 413 -7.30 -24.34 7.67
CA LEU A 413 -7.56 -24.85 9.02
C LEU A 413 -6.53 -25.88 9.48
N TRP A 414 -5.95 -26.60 8.52
CA TRP A 414 -5.00 -27.66 8.81
C TRP A 414 -3.56 -27.17 8.89
N VAL A 415 -3.19 -26.27 7.97
CA VAL A 415 -1.81 -25.88 7.81
C VAL A 415 -1.42 -24.65 8.66
N ALA A 416 -2.26 -23.63 8.67
CA ALA A 416 -1.93 -22.41 9.41
C ALA A 416 -1.61 -22.67 10.91
N PRO A 417 -2.42 -23.51 11.60
CA PRO A 417 -2.05 -23.74 13.01
C PRO A 417 -0.69 -24.43 13.18
N GLU A 418 -0.28 -25.28 12.25
CA GLU A 418 1.02 -25.95 12.35
C GLU A 418 2.17 -24.94 12.15
N VAL A 419 2.00 -24.04 11.20
CA VAL A 419 2.96 -22.95 11.00
C VAL A 419 3.07 -22.10 12.26
N ALA A 420 1.91 -21.77 12.84
CA ALA A 420 1.87 -20.97 14.06
C ALA A 420 2.61 -21.68 15.19
N LYS A 421 2.35 -22.98 15.33
CA LYS A 421 3.02 -23.78 16.35
C LYS A 421 4.54 -23.77 16.11
N ALA A 422 4.96 -23.92 14.86
CA ALA A 422 6.38 -23.92 14.53
C ALA A 422 7.03 -22.57 14.83
N ALA A 423 6.29 -21.48 14.63
CA ALA A 423 6.79 -20.14 14.92
C ALA A 423 7.01 -19.95 16.42
N MET A 424 6.08 -20.44 17.20
CA MET A 424 6.17 -20.34 18.65
C MET A 424 7.33 -21.18 19.18
N LYS A 425 7.43 -22.40 18.65
CA LYS A 425 8.46 -23.34 19.10
C LYS A 425 9.86 -22.84 18.76
N SER A 426 10.00 -22.15 17.63
CA SER A 426 11.32 -21.71 17.20
C SER A 426 11.65 -20.31 17.72
N GLY A 427 10.70 -19.71 18.44
CA GLY A 427 10.94 -18.46 19.12
C GLY A 427 10.84 -17.20 18.29
N VAL A 428 10.23 -17.28 17.11
CA VAL A 428 10.06 -16.06 16.30
C VAL A 428 8.67 -15.44 16.49
N ALA A 429 7.77 -16.15 17.16
CA ALA A 429 6.46 -15.60 17.52
C ALA A 429 6.61 -14.48 18.54
N THR A 430 5.81 -13.42 18.42
CA THR A 430 5.81 -12.40 19.47
C THR A 430 4.44 -12.29 20.12
N ARG A 431 3.55 -13.21 19.77
CA ARG A 431 2.23 -13.30 20.38
C ARG A 431 1.83 -14.76 20.59
N ALA A 432 1.50 -15.12 21.83
CA ALA A 432 1.12 -16.49 22.16
C ALA A 432 -0.32 -16.81 21.73
N THR B 26 -10.62 15.21 27.82
CA THR B 26 -11.62 14.15 27.97
C THR B 26 -11.03 12.79 27.60
N THR B 27 -10.45 12.12 28.58
CA THR B 27 -9.79 10.86 28.28
C THR B 27 -10.80 9.73 28.14
N ASN B 28 -12.08 9.98 28.45
CA ASN B 28 -13.09 8.98 28.12
C ASN B 28 -13.46 9.07 26.63
N PHE B 29 -13.31 10.25 26.04
CA PHE B 29 -13.45 10.32 24.59
C PHE B 29 -12.27 9.60 23.95
N ASP B 30 -11.10 9.70 24.60
CA ASP B 30 -9.95 8.90 24.18
C ASP B 30 -10.31 7.43 24.19
N GLN B 31 -11.00 7.02 25.24
CA GLN B 31 -11.47 5.64 25.38
C GLN B 31 -12.37 5.20 24.23
N GLU B 32 -13.32 6.06 23.85
CA GLU B 32 -14.21 5.79 22.72
C GLU B 32 -13.41 5.55 21.44
N ALA B 33 -12.33 6.31 21.26
CA ALA B 33 -11.53 6.21 20.03
C ALA B 33 -10.71 4.92 20.04
N LEU B 34 -10.14 4.58 21.18
CA LEU B 34 -9.38 3.33 21.27
C LEU B 34 -10.28 2.14 20.98
N LEU B 35 -11.49 2.17 21.54
CA LEU B 35 -12.43 1.06 21.31
C LEU B 35 -12.80 0.91 19.84
N TYR B 36 -13.13 2.05 19.22
CA TYR B 36 -13.42 2.14 17.81
C TYR B 36 -12.32 1.48 16.96
N HIS B 37 -11.05 1.73 17.31
CA HIS B 37 -9.94 1.21 16.51
C HIS B 37 -9.72 -0.29 16.72
N GLN B 38 -10.17 -0.83 17.83
CA GLN B 38 -9.90 -2.25 18.08
C GLN B 38 -11.12 -3.13 17.92
N GLN B 39 -12.31 -2.54 17.80
CA GLN B 39 -13.54 -3.32 17.72
C GLN B 39 -13.59 -4.15 16.42
N GLY B 40 -14.19 -5.34 16.49
CA GLY B 40 -14.26 -6.23 15.33
C GLY B 40 -12.87 -6.53 14.80
N LYS B 41 -12.53 -5.96 13.67
CA LYS B 41 -11.21 -6.17 13.08
C LYS B 41 -10.33 -5.02 13.57
N PRO B 42 -9.10 -5.33 13.95
CA PRO B 42 -8.19 -4.22 14.25
C PRO B 42 -8.04 -3.25 13.07
N GLY B 43 -7.96 -1.96 13.42
CA GLY B 43 -7.73 -0.94 12.40
C GLY B 43 -9.00 -0.52 11.70
N LYS B 44 -8.85 0.23 10.61
CA LYS B 44 -10.00 0.86 9.99
C LYS B 44 -10.17 0.51 8.53
N ILE B 45 -9.27 -0.29 7.97
CA ILE B 45 -9.34 -0.56 6.52
C ILE B 45 -9.35 -2.04 6.21
N GLU B 46 -9.88 -2.34 5.04
CA GLU B 46 -9.94 -3.69 4.49
C GLU B 46 -9.74 -3.57 2.99
N VAL B 47 -9.09 -4.55 2.38
CA VAL B 47 -8.94 -4.55 0.92
C VAL B 47 -9.82 -5.66 0.37
N ILE B 48 -10.72 -5.29 -0.55
CA ILE B 48 -11.64 -6.27 -1.12
C ILE B 48 -11.55 -6.31 -2.63
N SER B 49 -12.12 -7.35 -3.20
CA SER B 49 -12.14 -7.48 -4.65
C SER B 49 -13.30 -6.70 -5.22
N SER B 50 -13.06 -6.03 -6.33
CA SER B 50 -14.13 -5.31 -7.01
C SER B 50 -14.78 -6.19 -8.08
N LYS B 51 -14.33 -7.45 -8.19
CA LYS B 51 -14.78 -8.38 -9.24
C LYS B 51 -15.03 -9.79 -8.68
N PRO B 52 -15.80 -10.63 -9.41
CA PRO B 52 -15.97 -12.02 -8.94
C PRO B 52 -14.65 -12.80 -8.77
N CYS B 53 -14.47 -13.44 -7.62
CA CYS B 53 -13.23 -14.18 -7.37
C CYS B 53 -13.42 -15.44 -6.52
N ALA B 54 -14.55 -16.12 -6.69
CA ALA B 54 -14.86 -17.30 -5.87
C ALA B 54 -14.50 -18.62 -6.55
N THR B 55 -14.84 -18.74 -7.84
CA THR B 55 -14.68 -19.99 -8.56
C THR B 55 -13.33 -20.13 -9.26
N GLU B 56 -13.01 -21.32 -9.74
CA GLU B 56 -11.77 -21.50 -10.48
C GLU B 56 -11.81 -20.70 -11.77
N LYS B 57 -12.99 -20.59 -12.37
CA LYS B 57 -13.17 -19.80 -13.57
C LYS B 57 -12.91 -18.31 -13.31
N ASP B 58 -13.47 -17.79 -12.21
CA ASP B 58 -13.23 -16.40 -11.81
C ASP B 58 -11.74 -16.16 -11.66
N LEU B 59 -11.07 -17.09 -10.99
CA LEU B 59 -9.66 -16.90 -10.66
C LEU B 59 -8.76 -17.18 -11.85
N SER B 60 -9.29 -17.82 -12.89
CA SER B 60 -8.54 -17.97 -14.14
C SER B 60 -8.53 -16.66 -14.92
N LEU B 61 -9.38 -15.71 -14.50
CA LEU B 61 -9.39 -14.38 -15.09
C LEU B 61 -8.60 -13.39 -14.23
N ALA B 62 -8.80 -13.47 -12.92
CA ALA B 62 -8.12 -12.55 -11.99
C ALA B 62 -6.64 -12.91 -11.81
N TYR B 63 -6.31 -14.17 -12.06
CA TYR B 63 -4.92 -14.61 -11.94
C TYR B 63 -4.60 -15.48 -13.18
N SER B 64 -3.58 -16.32 -13.06
CA SER B 64 -3.14 -17.16 -14.19
C SER B 64 -4.24 -18.07 -14.72
N PRO B 65 -4.39 -18.16 -16.06
CA PRO B 65 -3.58 -17.53 -17.11
C PRO B 65 -4.14 -16.25 -17.70
N GLY B 66 -5.39 -15.92 -17.40
CA GLY B 66 -6.05 -14.76 -17.97
C GLY B 66 -5.38 -13.42 -17.65
N VAL B 67 -4.80 -13.33 -16.47
CA VAL B 67 -4.19 -12.08 -16.01
C VAL B 67 -3.00 -11.69 -16.90
N ALA B 68 -2.48 -12.64 -17.69
CA ALA B 68 -1.38 -12.31 -18.60
C ALA B 68 -1.80 -11.29 -19.68
N ALA B 69 -3.07 -11.29 -20.03
CA ALA B 69 -3.56 -10.44 -21.12
C ALA B 69 -3.42 -8.95 -20.80
N PRO B 70 -3.93 -8.47 -19.64
CA PRO B 70 -3.67 -7.05 -19.38
C PRO B 70 -2.20 -6.72 -19.17
N CYS B 71 -1.43 -7.69 -18.65
CA CYS B 71 0.00 -7.46 -18.46
C CYS B 71 0.67 -7.17 -19.80
N LYS B 72 0.39 -8.02 -20.78
CA LYS B 72 0.96 -7.83 -22.11
C LYS B 72 0.52 -6.52 -22.72
N ALA B 73 -0.73 -6.13 -22.49
CA ALA B 73 -1.23 -4.88 -23.06
C ALA B 73 -0.50 -3.66 -22.49
N ILE B 74 -0.24 -3.68 -21.17
CA ILE B 74 0.45 -2.59 -20.49
C ILE B 74 1.92 -2.54 -20.93
N ALA B 75 2.53 -3.71 -21.09
CA ALA B 75 3.92 -3.75 -21.58
C ALA B 75 4.05 -3.08 -22.97
N LYS B 76 3.08 -3.31 -23.84
CA LYS B 76 3.07 -2.66 -25.16
C LYS B 76 2.76 -1.17 -25.05
N ASP B 77 1.80 -0.82 -24.20
CA ASP B 77 1.37 0.56 -24.04
C ASP B 77 1.20 0.90 -22.57
N PRO B 78 2.21 1.53 -21.96
CA PRO B 78 2.21 1.82 -20.52
C PRO B 78 0.95 2.53 -19.99
N ALA B 79 0.32 3.40 -20.79
CA ALA B 79 -0.86 4.15 -20.34
C ALA B 79 -2.03 3.24 -20.00
N LYS B 80 -2.03 2.02 -20.54
CA LYS B 80 -3.13 1.12 -20.27
C LYS B 80 -3.14 0.60 -18.82
N VAL B 81 -2.10 0.93 -18.05
CA VAL B 81 -2.13 0.59 -16.63
C VAL B 81 -3.35 1.24 -15.98
N TYR B 82 -3.79 2.39 -16.50
CA TYR B 82 -4.97 3.06 -15.96
C TYR B 82 -6.28 2.36 -16.33
N ASP B 83 -6.25 1.52 -17.36
CA ASP B 83 -7.44 0.81 -17.82
C ASP B 83 -7.69 -0.51 -17.09
N TYR B 84 -6.62 -1.15 -16.65
CA TYR B 84 -6.70 -2.54 -16.21
C TYR B 84 -6.35 -2.75 -14.74
N THR B 85 -5.96 -1.68 -14.06
CA THR B 85 -5.60 -1.76 -12.64
C THR B 85 -6.30 -0.65 -11.87
N ALA B 86 -6.15 -0.66 -10.56
CA ALA B 86 -6.72 0.41 -9.72
C ALA B 86 -5.95 1.74 -9.74
N LYS B 87 -4.86 1.84 -10.52
CA LYS B 87 -3.96 3.00 -10.42
C LYS B 87 -4.69 4.34 -10.53
N GLY B 88 -5.67 4.42 -11.41
CA GLY B 88 -6.36 5.67 -11.66
C GLY B 88 -7.31 6.14 -10.56
N ASN B 89 -7.46 5.33 -9.52
CA ASN B 89 -8.26 5.72 -8.37
C ASN B 89 -7.49 5.48 -7.08
N LEU B 90 -6.17 5.36 -7.17
CA LEU B 90 -5.40 4.93 -6.01
C LEU B 90 -4.38 5.98 -5.61
N VAL B 91 -4.53 6.52 -4.40
CA VAL B 91 -3.60 7.50 -3.87
C VAL B 91 -2.83 6.88 -2.69
N ALA B 92 -1.55 7.18 -2.59
CA ALA B 92 -0.78 6.78 -1.41
C ALA B 92 -0.81 7.92 -0.42
N VAL B 93 -1.20 7.64 0.82
CA VAL B 93 -0.97 8.62 1.89
C VAL B 93 0.30 8.21 2.60
N ILE B 94 1.35 9.02 2.46
CA ILE B 94 2.68 8.59 2.87
C ILE B 94 3.23 9.53 3.94
N SER B 95 3.72 8.93 5.01
CA SER B 95 4.26 9.70 6.13
C SER B 95 5.45 9.01 6.76
N ASN B 96 6.36 9.78 7.35
CA ASN B 96 7.34 9.16 8.24
C ASN B 96 7.04 9.44 9.70
N GLY B 97 5.86 10.00 9.98
CA GLY B 97 5.43 10.24 11.35
C GLY B 97 6.25 11.22 12.15
N THR B 98 6.90 12.17 11.48
CA THR B 98 7.70 13.16 12.20
C THR B 98 6.92 14.41 12.65
N ALA B 99 5.69 14.57 12.18
CA ALA B 99 4.80 15.64 12.67
C ALA B 99 3.35 15.18 12.60
N VAL B 100 2.98 14.27 13.50
CA VAL B 100 1.65 13.67 13.43
C VAL B 100 0.69 14.54 14.20
N LEU B 101 -0.32 15.05 13.49
CA LEU B 101 -1.33 15.97 14.05
C LEU B 101 -0.59 17.02 14.87
N GLY B 102 -0.93 17.13 16.15
CA GLY B 102 -0.23 18.02 17.06
C GLY B 102 0.64 17.29 18.07
N LEU B 103 0.96 16.04 17.77
CA LEU B 103 1.70 15.14 18.66
C LEU B 103 3.22 15.18 18.45
N GLY B 104 3.62 15.79 17.34
CA GLY B 104 5.04 15.90 17.01
C GLY B 104 5.62 14.63 16.42
N ASN B 105 6.88 14.39 16.75
CA ASN B 105 7.65 13.34 16.10
C ASN B 105 7.49 12.03 16.85
N ILE B 106 6.43 11.30 16.55
CA ILE B 106 6.17 10.06 17.26
C ILE B 106 6.60 8.82 16.47
N GLY B 107 7.01 9.02 15.22
CA GLY B 107 7.49 7.93 14.38
C GLY B 107 6.42 7.27 13.53
N PRO B 108 6.83 6.42 12.57
CA PRO B 108 5.90 5.95 11.53
C PRO B 108 4.84 4.98 12.01
N ALA B 109 5.20 4.00 12.84
CA ALA B 109 4.18 3.11 13.36
C ALA B 109 3.09 3.86 14.12
N ALA B 110 3.49 4.78 14.99
CA ALA B 110 2.51 5.52 15.80
C ALA B 110 1.63 6.42 14.94
N GLY B 111 2.11 6.79 13.76
CA GLY B 111 1.29 7.59 12.85
C GLY B 111 0.31 6.79 11.99
N LYS B 112 0.41 5.47 12.00
CA LYS B 112 -0.42 4.66 11.10
C LYS B 112 -1.93 4.86 11.27
N PRO B 113 -2.44 5.00 12.52
CA PRO B 113 -3.88 5.26 12.60
C PRO B 113 -4.31 6.55 11.91
N VAL B 114 -3.45 7.56 11.98
CA VAL B 114 -3.76 8.83 11.33
C VAL B 114 -3.76 8.63 9.82
N MET B 115 -2.80 7.88 9.27
CA MET B 115 -2.80 7.69 7.80
C MET B 115 -3.94 6.81 7.31
N GLU B 116 -4.29 5.75 8.06
CA GLU B 116 -5.51 5.00 7.75
C GLU B 116 -6.76 5.91 7.75
N GLY B 117 -6.83 6.79 8.73
CA GLY B 117 -7.94 7.73 8.85
C GLY B 117 -7.98 8.73 7.70
N LYS B 118 -6.82 9.27 7.33
CA LYS B 118 -6.76 10.15 6.16
C LYS B 118 -7.29 9.41 4.92
N GLY B 119 -6.94 8.13 4.77
CA GLY B 119 -7.44 7.36 3.65
C GLY B 119 -8.94 7.19 3.66
N ILE B 120 -9.53 7.04 4.85
CA ILE B 120 -10.98 6.96 5.02
C ILE B 120 -11.62 8.25 4.51
N LEU B 121 -11.03 9.40 4.82
CA LEU B 121 -11.53 10.69 4.29
C LEU B 121 -11.48 10.77 2.76
N PHE B 122 -10.35 10.35 2.16
CA PHE B 122 -10.30 10.24 0.68
C PHE B 122 -11.46 9.42 0.11
N LYS B 123 -11.75 8.28 0.74
CA LYS B 123 -12.76 7.39 0.17
C LYS B 123 -14.16 7.98 0.39
N GLN B 124 -14.43 8.46 1.60
CA GLN B 124 -15.78 8.94 1.92
C GLN B 124 -16.11 10.24 1.18
N PHE B 125 -15.11 11.08 0.93
CA PHE B 125 -15.42 12.38 0.35
C PHE B 125 -15.16 12.47 -1.14
N ALA B 126 -14.30 11.60 -1.69
CA ALA B 126 -14.05 11.64 -3.13
C ALA B 126 -14.12 10.28 -3.83
N GLY B 127 -14.40 9.22 -3.07
CA GLY B 127 -14.41 7.88 -3.64
C GLY B 127 -13.04 7.35 -4.04
N ILE B 128 -11.99 7.92 -3.47
CA ILE B 128 -10.62 7.52 -3.81
C ILE B 128 -10.12 6.41 -2.87
N ASP B 129 -9.55 5.35 -3.44
CA ASP B 129 -8.90 4.29 -2.65
C ASP B 129 -7.51 4.72 -2.21
N VAL B 130 -7.13 4.36 -0.98
CA VAL B 130 -5.84 4.77 -0.46
C VAL B 130 -5.08 3.60 0.13
N PHE B 131 -3.80 3.49 -0.21
CA PHE B 131 -2.88 2.67 0.55
C PHE B 131 -2.14 3.65 1.47
N ASP B 132 -2.25 3.46 2.77
CA ASP B 132 -1.45 4.26 3.70
C ASP B 132 -0.06 3.64 3.83
N ILE B 133 0.95 4.46 3.69
CA ILE B 133 2.33 3.96 3.69
C ILE B 133 3.14 4.72 4.71
N GLU B 134 3.56 4.03 5.77
CA GLU B 134 4.34 4.63 6.83
C GLU B 134 5.79 4.25 6.58
N VAL B 135 6.66 5.24 6.50
CA VAL B 135 8.04 5.06 6.04
C VAL B 135 9.03 5.34 7.17
N ALA B 136 9.85 4.35 7.51
CA ALA B 136 10.86 4.55 8.55
C ALA B 136 12.11 5.22 7.97
N ALA B 137 11.97 6.50 7.63
CA ALA B 137 13.11 7.26 7.13
C ALA B 137 12.94 8.73 7.44
N THR B 138 13.93 9.30 8.12
CA THR B 138 13.95 10.72 8.46
C THR B 138 14.95 11.48 7.56
N ASP B 139 15.86 10.74 6.94
CA ASP B 139 16.81 11.33 6.01
C ASP B 139 16.07 11.63 4.70
N VAL B 140 16.22 12.85 4.22
CA VAL B 140 15.51 13.30 3.03
C VAL B 140 15.82 12.43 1.81
N ASP B 141 17.10 12.10 1.62
CA ASP B 141 17.48 11.27 0.49
C ASP B 141 16.92 9.85 0.60
N VAL B 142 16.99 9.25 1.78
CA VAL B 142 16.45 7.90 1.97
C VAL B 142 14.94 7.92 1.68
N PHE B 143 14.26 8.92 2.24
CA PHE B 143 12.81 9.01 2.08
C PHE B 143 12.41 9.20 0.61
N CYS B 144 13.04 10.16 -0.05
CA CYS B 144 12.70 10.44 -1.44
C CYS B 144 13.06 9.29 -2.38
N ASN B 145 14.21 8.63 -2.14
CA ASN B 145 14.59 7.50 -2.98
C ASN B 145 13.56 6.38 -2.86
N ALA B 146 13.05 6.17 -1.65
CA ALA B 146 12.06 5.12 -1.40
C ALA B 146 10.73 5.42 -2.08
N VAL B 147 10.25 6.65 -1.95
CA VAL B 147 8.95 7.01 -2.46
C VAL B 147 8.95 7.15 -3.99
N ARG B 148 10.04 7.66 -4.56
CA ARG B 148 10.09 7.91 -6.00
C ARG B 148 9.82 6.64 -6.81
N VAL B 149 10.38 5.52 -6.37
CA VAL B 149 10.27 4.29 -7.15
C VAL B 149 8.93 3.59 -6.94
N LEU B 150 8.06 4.17 -6.13
CA LEU B 150 6.69 3.63 -6.00
C LEU B 150 5.70 4.16 -7.03
N GLU B 151 6.14 5.10 -7.87
CA GLU B 151 5.24 5.66 -8.90
C GLU B 151 4.42 4.62 -9.68
N PRO B 152 5.00 3.46 -10.09
CA PRO B 152 4.18 2.54 -10.90
C PRO B 152 2.90 2.07 -10.20
N THR B 153 2.92 2.08 -8.86
CA THR B 153 1.79 1.61 -8.06
C THR B 153 0.59 2.56 -8.04
N PHE B 154 0.87 3.87 -8.09
CA PHE B 154 -0.10 4.87 -7.61
C PHE B 154 -0.49 5.87 -8.68
N GLY B 155 -1.72 6.39 -8.57
CA GLY B 155 -2.14 7.50 -9.40
C GLY B 155 -1.79 8.87 -8.84
N GLY B 156 -1.50 8.92 -7.53
CA GLY B 156 -1.09 10.17 -6.91
C GLY B 156 -0.52 9.91 -5.53
N ILE B 157 0.18 10.90 -4.99
CA ILE B 157 0.84 10.80 -3.67
C ILE B 157 0.41 11.97 -2.78
N ASN B 158 -0.20 11.67 -1.65
CA ASN B 158 -0.49 12.69 -0.64
C ASN B 158 0.50 12.53 0.52
N LEU B 159 1.49 13.41 0.58
CA LEU B 159 2.42 13.43 1.71
C LEU B 159 1.67 13.96 2.91
N GLU B 160 1.95 13.43 4.09
CA GLU B 160 1.21 13.84 5.27
C GLU B 160 2.09 13.75 6.50
N ASP B 161 1.98 14.74 7.38
CA ASP B 161 2.57 14.67 8.71
C ASP B 161 4.09 14.41 8.73
N ILE B 162 4.80 15.18 7.92
CA ILE B 162 6.25 15.21 7.81
C ILE B 162 6.67 16.58 8.34
N LYS B 163 7.60 16.61 9.27
CA LYS B 163 7.95 17.88 9.89
C LYS B 163 8.68 18.83 8.93
N ALA B 164 8.57 20.13 9.22
CA ALA B 164 9.41 21.14 8.60
C ALA B 164 10.81 21.18 9.25
N PRO B 165 11.84 21.57 8.48
CA PRO B 165 11.88 21.99 7.09
C PRO B 165 11.96 20.82 6.10
N GLU B 166 12.21 19.61 6.58
CA GLU B 166 12.31 18.44 5.70
C GLU B 166 11.14 18.31 4.73
N CYS B 167 9.93 18.59 5.19
CA CYS B 167 8.78 18.44 4.31
C CYS B 167 8.86 19.36 3.08
N PHE B 168 9.50 20.52 3.21
CA PHE B 168 9.64 21.41 2.08
C PHE B 168 10.57 20.80 1.05
N GLU B 169 11.72 20.30 1.50
CA GLU B 169 12.69 19.68 0.60
C GLU B 169 12.10 18.46 -0.08
N ILE B 170 11.41 17.63 0.70
CA ILE B 170 10.85 16.39 0.20
C ILE B 170 9.76 16.67 -0.85
N GLU B 171 8.81 17.57 -0.56
CA GLU B 171 7.77 17.81 -1.52
C GLU B 171 8.33 18.42 -2.83
N GLU B 172 9.25 19.37 -2.74
CA GLU B 172 9.77 19.97 -3.95
C GLU B 172 10.52 18.93 -4.79
N ARG B 173 11.31 18.09 -4.14
CA ARG B 173 12.07 17.06 -4.83
C ARG B 173 11.14 16.04 -5.47
N LEU B 174 10.15 15.54 -4.73
CA LEU B 174 9.28 14.52 -5.29
C LEU B 174 8.39 15.07 -6.39
N LYS B 175 7.96 16.33 -6.26
CA LYS B 175 7.18 16.95 -7.35
C LYS B 175 7.97 17.01 -8.65
N LYS B 176 9.27 17.29 -8.54
CA LYS B 176 10.15 17.35 -9.70
C LYS B 176 10.43 15.97 -10.27
N GLU B 177 10.64 14.99 -9.38
CA GLU B 177 11.12 13.66 -9.78
C GLU B 177 10.03 12.72 -10.25
N MET B 178 8.83 12.88 -9.73
CA MET B 178 7.74 11.96 -10.08
C MET B 178 6.82 12.54 -11.14
N ASN B 179 6.21 11.65 -11.93
CA ASN B 179 5.30 12.11 -12.99
C ASN B 179 3.84 11.79 -12.69
N ILE B 180 3.55 11.68 -11.40
CA ILE B 180 2.19 11.65 -10.90
C ILE B 180 2.09 12.78 -9.87
N PRO B 181 0.86 13.20 -9.56
CA PRO B 181 0.72 14.31 -8.62
C PRO B 181 1.28 13.96 -7.25
N VAL B 182 1.96 14.94 -6.67
CA VAL B 182 2.52 14.87 -5.32
C VAL B 182 2.07 16.13 -4.59
N PHE B 183 1.51 15.95 -3.41
CA PHE B 183 0.86 17.07 -2.72
C PHE B 183 0.96 16.87 -1.22
N HIS B 184 1.56 17.80 -0.50
CA HIS B 184 1.66 17.68 0.96
C HIS B 184 0.52 18.46 1.58
N ASP B 185 -0.51 17.73 2.03
CA ASP B 185 -1.72 18.42 2.45
C ASP B 185 -1.49 19.33 3.65
N ASP B 186 -0.60 18.96 4.57
CA ASP B 186 -0.38 19.84 5.72
C ASP B 186 0.17 21.20 5.33
N GLN B 187 0.96 21.24 4.26
CA GLN B 187 1.48 22.52 3.79
C GLN B 187 0.42 23.37 3.15
N HIS B 188 -0.48 22.76 2.39
CA HIS B 188 -1.31 23.52 1.45
C HIS B 188 -2.81 23.56 1.72
N GLY B 189 -3.31 22.60 2.50
CA GLY B 189 -4.74 22.52 2.71
C GLY B 189 -5.32 23.73 3.41
N THR B 190 -4.70 24.15 4.52
CA THR B 190 -5.14 25.32 5.26
C THR B 190 -5.09 26.57 4.39
N ALA B 191 -4.04 26.67 3.59
CA ALA B 191 -3.86 27.80 2.70
C ALA B 191 -5.00 27.91 1.68
N ILE B 192 -5.33 26.80 1.06
CA ILE B 192 -6.39 26.73 0.05
C ILE B 192 -7.74 27.09 0.65
N VAL B 193 -8.06 26.46 1.79
CA VAL B 193 -9.38 26.64 2.37
C VAL B 193 -9.47 28.03 3.06
N SER B 194 -8.41 28.47 3.73
CA SER B 194 -8.44 29.80 4.33
C SER B 194 -8.42 30.87 3.25
N GLY B 195 -7.78 30.59 2.13
CA GLY B 195 -7.76 31.53 1.02
C GLY B 195 -9.17 31.76 0.49
N ALA B 196 -9.95 30.68 0.39
CA ALA B 196 -11.33 30.81 -0.07
C ALA B 196 -12.11 31.65 0.93
N ALA B 197 -11.92 31.37 2.23
CA ALA B 197 -12.64 32.08 3.27
C ALA B 197 -12.29 33.56 3.27
N LEU B 198 -11.01 33.85 3.05
CA LEU B 198 -10.51 35.21 3.03
C LEU B 198 -11.11 36.00 1.89
N LEU B 199 -11.13 35.40 0.70
CA LEU B 199 -11.74 36.02 -0.46
C LEU B 199 -13.16 36.46 -0.16
N ASN B 200 -13.92 35.56 0.46
CA ASN B 200 -15.29 35.85 0.79
C ASN B 200 -15.42 36.84 1.93
N ALA B 201 -14.52 36.77 2.89
CA ALA B 201 -14.53 37.73 4.00
C ALA B 201 -14.28 39.14 3.49
N CYS B 202 -13.39 39.25 2.52
CA CYS B 202 -13.10 40.55 1.90
C CYS B 202 -14.27 41.09 1.09
N SER B 203 -14.93 40.20 0.36
CA SER B 203 -16.14 40.53 -0.39
C SER B 203 -17.19 41.14 0.52
N ILE B 204 -17.45 40.45 1.63
CA ILE B 204 -18.44 40.87 2.62
C ILE B 204 -18.13 42.23 3.26
N THR B 205 -16.86 42.51 3.48
CA THR B 205 -16.45 43.75 4.14
C THR B 205 -15.99 44.82 3.15
N ASN B 206 -16.27 44.57 1.86
CA ASN B 206 -15.97 45.52 0.80
C ASN B 206 -14.50 45.89 0.73
N ARG B 207 -13.64 44.89 0.79
CA ARG B 207 -12.21 45.12 0.65
C ARG B 207 -11.69 44.59 -0.67
N LYS B 208 -10.58 45.16 -1.10
CA LYS B 208 -9.90 44.73 -2.31
C LYS B 208 -8.61 44.07 -1.85
N MET B 209 -8.36 42.84 -2.30
CA MET B 209 -7.25 42.03 -1.80
C MET B 209 -5.90 42.76 -1.82
N GLU B 210 -5.72 43.63 -2.81
CA GLU B 210 -4.46 44.33 -3.02
C GLU B 210 -4.08 45.31 -1.91
N THR B 211 -5.03 45.66 -1.05
CA THR B 211 -4.76 46.63 0.01
C THR B 211 -4.98 46.06 1.41
N VAL B 212 -5.22 44.75 1.48
CA VAL B 212 -5.49 44.09 2.76
C VAL B 212 -4.21 43.82 3.53
N ARG B 213 -4.21 44.20 4.80
CA ARG B 213 -3.04 43.95 5.65
C ARG B 213 -3.26 42.69 6.48
N ILE B 214 -2.37 41.73 6.28
CA ILE B 214 -2.51 40.40 6.83
C ILE B 214 -1.36 40.08 7.77
N VAL B 215 -1.69 39.57 8.95
CA VAL B 215 -0.65 39.07 9.84
C VAL B 215 -0.79 37.57 10.05
N VAL B 216 0.28 36.85 9.74
CA VAL B 216 0.31 35.41 9.96
C VAL B 216 1.10 35.11 11.23
N ASN B 217 0.46 34.47 12.19
CA ASN B 217 1.11 34.16 13.46
C ASN B 217 1.41 32.66 13.58
N GLY B 218 2.68 32.32 13.47
CA GLY B 218 3.10 30.93 13.49
C GLY B 218 3.89 30.62 12.25
N ALA B 219 4.97 29.86 12.39
CA ALA B 219 5.88 29.64 11.29
C ALA B 219 6.04 28.16 10.94
N GLY B 220 4.99 27.37 11.15
CA GLY B 220 5.04 25.95 10.85
C GLY B 220 4.83 25.62 9.38
N ALA B 221 4.43 24.37 9.13
CA ALA B 221 4.42 23.84 7.78
C ALA B 221 3.44 24.54 6.85
N SER B 222 2.41 25.20 7.38
CA SER B 222 1.43 25.80 6.47
C SER B 222 1.59 27.33 6.31
N ALA B 223 2.51 27.94 7.04
CA ALA B 223 2.59 29.40 7.06
C ALA B 223 2.94 30.03 5.71
N ASN B 224 4.06 29.62 5.10
CA ASN B 224 4.47 30.17 3.81
C ASN B 224 3.43 29.93 2.70
N SER B 225 2.79 28.77 2.71
CA SER B 225 1.83 28.47 1.66
C SER B 225 0.62 29.39 1.73
N CYS B 226 0.24 29.78 2.95
CA CYS B 226 -0.81 30.77 3.15
C CYS B 226 -0.43 32.07 2.46
N ALA B 227 0.77 32.57 2.75
CA ALA B 227 1.23 33.81 2.16
C ALA B 227 1.21 33.73 0.63
N LYS B 228 1.72 32.63 0.08
CA LYS B 228 1.76 32.47 -1.37
C LYS B 228 0.38 32.44 -2.01
N ILE B 229 -0.56 31.73 -1.38
CA ILE B 229 -1.92 31.70 -1.89
C ILE B 229 -2.58 33.07 -1.81
N PHE B 230 -2.37 33.79 -0.71
CA PHE B 230 -2.99 35.11 -0.57
C PHE B 230 -2.48 36.07 -1.66
N ILE B 231 -1.19 35.97 -1.95
CA ILE B 231 -0.59 36.77 -3.03
C ILE B 231 -1.15 36.35 -4.39
N ALA B 232 -1.34 35.06 -4.59
CA ALA B 232 -1.98 34.55 -5.81
C ALA B 232 -3.42 35.06 -5.94
N LEU B 233 -4.04 35.40 -4.82
CA LEU B 233 -5.40 35.91 -4.82
C LEU B 233 -5.44 37.41 -4.97
N GLY B 234 -4.27 38.05 -4.95
CA GLY B 234 -4.19 39.48 -5.18
C GLY B 234 -3.62 40.30 -4.06
N ALA B 235 -3.23 39.67 -2.96
CA ALA B 235 -2.59 40.40 -1.86
C ALA B 235 -1.17 40.75 -2.23
N ARG B 236 -0.60 41.73 -1.53
CA ARG B 236 0.79 42.14 -1.75
C ARG B 236 1.72 41.76 -0.60
N ARG B 237 2.97 41.40 -0.91
CA ARG B 237 3.97 41.06 0.11
C ARG B 237 4.10 42.15 1.17
N GLU B 238 4.14 43.40 0.73
CA GLU B 238 4.34 44.55 1.61
C GLU B 238 3.24 44.64 2.66
N ASN B 239 2.14 43.95 2.39
CA ASN B 239 0.95 44.00 3.21
C ASN B 239 0.85 42.79 4.15
N ILE B 240 1.79 41.87 4.02
CA ILE B 240 1.79 40.64 4.80
C ILE B 240 2.97 40.62 5.79
N ILE B 241 2.66 40.39 7.07
CA ILE B 241 3.68 40.26 8.10
C ILE B 241 3.59 38.91 8.80
N MET B 242 4.69 38.16 8.79
CA MET B 242 4.75 36.85 9.41
C MET B 242 5.36 36.92 10.80
N CYS B 243 4.76 36.20 11.74
CA CYS B 243 5.31 36.15 13.10
C CYS B 243 5.58 34.72 13.53
N ASP B 244 6.38 34.57 14.59
CA ASP B 244 6.59 33.26 15.18
C ASP B 244 6.70 33.36 16.70
N SER B 245 7.33 32.35 17.28
CA SER B 245 7.77 32.39 18.67
C SER B 245 8.42 33.72 19.05
N GLN B 246 9.44 34.09 18.29
CA GLN B 246 10.27 35.26 18.62
C GLN B 246 9.63 36.59 18.23
N GLY B 247 8.34 36.59 17.94
CA GLY B 247 7.67 37.79 17.50
C GLY B 247 7.77 37.97 16.00
N VAL B 248 7.76 39.22 15.55
CA VAL B 248 7.78 39.52 14.13
C VAL B 248 9.04 39.03 13.42
N ILE B 249 8.85 38.44 12.23
CA ILE B 249 9.96 38.13 11.34
C ILE B 249 10.22 39.30 10.41
N TYR B 250 11.15 40.17 10.81
CA TYR B 250 11.47 41.37 10.02
C TYR B 250 12.69 41.15 9.14
N LYS B 251 12.74 41.83 7.99
CA LYS B 251 13.91 41.68 7.11
C LYS B 251 15.15 42.20 7.84
N GLY B 252 16.22 41.41 7.79
CA GLY B 252 17.45 41.72 8.51
C GLY B 252 17.54 41.06 9.87
N ARG B 253 16.55 40.26 10.21
CA ARG B 253 16.63 39.48 11.43
C ARG B 253 17.45 38.19 11.20
N THR B 254 18.39 37.88 12.10
CA THR B 254 19.03 36.54 12.16
C THR B 254 18.54 35.55 13.22
N ALA B 255 18.05 36.07 14.33
CA ALA B 255 17.74 35.23 15.50
C ALA B 255 16.64 34.22 15.21
N GLY B 256 17.03 32.96 15.03
CA GLY B 256 16.08 31.88 14.84
C GLY B 256 15.47 31.87 13.46
N MET B 257 16.23 32.37 12.50
CA MET B 257 15.78 32.45 11.11
C MET B 257 16.18 31.23 10.30
N ASN B 258 15.67 31.14 9.07
CA ASN B 258 16.08 30.08 8.14
C ASN B 258 15.71 30.47 6.72
N LYS B 259 15.96 29.54 5.81
CA LYS B 259 15.80 29.76 4.37
C LYS B 259 14.34 29.92 3.95
N TYR B 260 13.41 29.71 4.89
CA TYR B 260 12.00 29.78 4.58
C TYR B 260 11.34 30.97 5.27
N LYS B 261 11.76 31.24 6.51
CA LYS B 261 11.25 32.39 7.27
C LYS B 261 11.62 33.72 6.61
N GLU B 262 12.78 33.78 5.97
CA GLU B 262 13.25 35.04 5.40
C GLU B 262 12.51 35.39 4.13
N TYR B 263 11.94 34.38 3.48
CA TYR B 263 11.33 34.60 2.17
C TYR B 263 10.16 35.59 2.24
N PHE B 264 9.53 35.72 3.41
CA PHE B 264 8.45 36.70 3.58
C PHE B 264 8.72 37.72 4.71
N ALA B 265 9.97 37.97 5.06
CA ALA B 265 10.29 38.96 6.09
C ALA B 265 9.85 40.37 5.65
N SER B 266 9.30 41.18 6.55
CA SER B 266 8.71 42.48 6.18
C SER B 266 9.44 43.71 6.80
N GLU B 267 9.40 44.83 6.06
CA GLU B 267 10.05 46.09 6.46
C GLU B 267 9.38 46.81 7.62
N THR B 268 8.39 46.18 8.25
CA THR B 268 7.67 46.79 9.35
C THR B 268 8.58 47.24 10.51
N GLU B 269 8.11 48.22 11.26
CA GLU B 269 8.83 48.74 12.41
C GLU B 269 8.39 47.95 13.63
N ALA B 270 7.30 47.22 13.46
CA ALA B 270 6.76 46.38 14.53
C ALA B 270 7.69 45.21 14.82
N ARG B 271 7.72 44.79 16.08
CA ARG B 271 8.57 43.67 16.49
C ARG B 271 7.75 42.64 17.27
N THR B 272 6.66 43.06 17.90
CA THR B 272 5.79 42.10 18.57
C THR B 272 4.48 41.87 17.81
N LEU B 273 3.80 40.81 18.18
CA LEU B 273 2.51 40.46 17.60
C LEU B 273 1.48 41.55 17.86
N THR B 274 1.55 42.14 19.05
CA THR B 274 0.65 43.22 19.43
C THR B 274 0.83 44.40 18.47
N GLU B 275 2.08 44.79 18.24
CA GLU B 275 2.37 45.88 17.33
C GLU B 275 1.94 45.56 15.91
N ALA B 276 2.19 44.33 15.47
CA ALA B 276 1.86 43.93 14.11
C ALA B 276 0.38 44.05 13.81
N LEU B 277 -0.44 43.90 14.84
CA LEU B 277 -1.88 43.78 14.65
C LEU B 277 -2.61 45.12 14.70
N ARG B 278 -1.89 46.20 15.02
CA ARG B 278 -2.52 47.50 15.09
C ARG B 278 -2.90 48.01 13.70
N GLY B 279 -4.20 48.18 13.46
CA GLY B 279 -4.70 48.65 12.19
C GLY B 279 -4.78 47.58 11.11
N ALA B 280 -4.38 46.36 11.45
CA ALA B 280 -4.38 45.25 10.50
C ALA B 280 -5.78 44.75 10.20
N ASP B 281 -5.96 44.14 9.03
CA ASP B 281 -7.26 43.67 8.58
C ASP B 281 -7.49 42.20 8.91
N VAL B 282 -6.42 41.40 8.84
CA VAL B 282 -6.57 39.96 8.95
C VAL B 282 -5.52 39.34 9.88
N PHE B 283 -5.99 38.49 10.79
CA PHE B 283 -5.10 37.70 11.63
C PHE B 283 -5.21 36.23 11.23
N VAL B 284 -4.09 35.65 10.82
CA VAL B 284 -4.06 34.23 10.50
C VAL B 284 -3.31 33.46 11.59
N GLY B 285 -4.08 32.74 12.41
CA GLY B 285 -3.53 32.10 13.58
C GLY B 285 -3.18 30.66 13.36
N LEU B 286 -1.88 30.39 13.28
CA LEU B 286 -1.36 29.03 13.16
C LEU B 286 -0.47 28.75 14.37
N SER B 287 -0.97 29.08 15.56
CA SER B 287 -0.11 29.11 16.74
C SER B 287 -0.67 28.30 17.91
N VAL B 288 -0.93 28.99 19.02
CA VAL B 288 -1.39 28.34 20.23
C VAL B 288 -2.53 29.11 20.87
N ALA B 289 -3.27 28.45 21.75
CA ALA B 289 -4.41 29.07 22.42
C ALA B 289 -4.02 30.32 23.20
N GLY B 290 -4.86 31.34 23.15
CA GLY B 290 -4.65 32.57 23.89
C GLY B 290 -3.73 33.55 23.19
N ALA B 291 -3.11 33.13 22.10
CA ALA B 291 -2.11 33.95 21.41
C ALA B 291 -2.71 35.26 20.93
N LEU B 292 -4.03 35.27 20.73
CA LEU B 292 -4.74 36.47 20.34
C LEU B 292 -5.58 36.97 21.52
N THR B 293 -5.21 38.11 22.07
CA THR B 293 -5.92 38.66 23.22
C THR B 293 -6.77 39.86 22.81
N PRO B 294 -7.83 40.16 23.60
CA PRO B 294 -8.75 41.28 23.32
C PRO B 294 -8.08 42.62 23.05
N GLU B 295 -6.96 42.90 23.73
CA GLU B 295 -6.28 44.19 23.55
C GLU B 295 -5.83 44.41 22.11
N MET B 296 -5.16 43.43 21.52
CA MET B 296 -4.70 43.56 20.15
C MET B 296 -5.88 43.45 19.18
N LEU B 297 -6.94 42.74 19.60
CA LEU B 297 -8.16 42.69 18.82
C LEU B 297 -8.84 44.06 18.77
N LYS B 298 -8.76 44.80 19.86
CA LYS B 298 -9.41 46.10 19.96
C LYS B 298 -8.82 47.12 18.98
N ASP B 299 -7.57 46.93 18.60
CA ASP B 299 -6.91 47.90 17.72
C ASP B 299 -6.68 47.38 16.30
N MET B 300 -7.46 46.39 15.88
CA MET B 300 -7.47 45.98 14.48
C MET B 300 -8.42 46.87 13.71
N ALA B 301 -8.33 46.86 12.38
CA ALA B 301 -9.19 47.69 11.54
C ALA B 301 -10.68 47.36 11.76
N LYS B 302 -11.55 48.22 11.24
CA LYS B 302 -12.98 47.95 11.25
C LYS B 302 -13.24 46.64 10.52
N ASP B 303 -14.16 45.84 11.03
CA ASP B 303 -14.47 44.52 10.48
C ASP B 303 -13.23 43.63 10.44
N PRO B 304 -12.66 43.31 11.62
CA PRO B 304 -11.46 42.47 11.60
C PRO B 304 -11.78 41.04 11.19
N ILE B 305 -10.87 40.44 10.43
CA ILE B 305 -11.04 39.07 9.98
C ILE B 305 -10.04 38.17 10.72
N ILE B 306 -10.57 37.26 11.52
CA ILE B 306 -9.71 36.41 12.35
C ILE B 306 -9.79 34.93 11.99
N PHE B 307 -8.67 34.36 11.56
CA PHE B 307 -8.53 32.92 11.39
C PHE B 307 -7.81 32.29 12.57
N ALA B 308 -8.56 31.69 13.49
CA ALA B 308 -7.97 31.12 14.70
C ALA B 308 -7.88 29.61 14.56
N MET B 309 -6.78 29.14 13.99
CA MET B 309 -6.70 27.75 13.58
C MET B 309 -5.73 26.94 14.43
N ALA B 310 -5.48 27.41 15.65
CA ALA B 310 -4.69 26.65 16.62
C ALA B 310 -5.43 25.38 17.01
N ASN B 311 -4.68 24.29 17.11
CA ASN B 311 -5.21 23.00 17.55
C ASN B 311 -4.73 22.71 18.98
N PRO B 312 -5.65 22.30 19.87
CA PRO B 312 -7.08 22.08 19.68
C PRO B 312 -7.95 23.27 20.01
N GLU B 313 -7.45 24.21 20.82
CA GLU B 313 -8.22 25.40 21.12
C GLU B 313 -7.69 26.59 20.33
N PRO B 314 -8.60 27.30 19.65
CA PRO B 314 -8.26 28.48 18.85
C PRO B 314 -7.57 29.56 19.67
N GLU B 315 -6.79 30.39 18.98
CA GLU B 315 -6.17 31.57 19.58
C GLU B 315 -7.17 32.41 20.37
N ILE B 316 -8.43 32.41 19.92
CA ILE B 316 -9.54 33.00 20.66
C ILE B 316 -10.83 32.34 20.16
N THR B 317 -11.87 32.30 21.00
CA THR B 317 -13.13 31.71 20.57
C THR B 317 -13.95 32.78 19.86
N PRO B 318 -14.88 32.37 19.00
CA PRO B 318 -15.76 33.34 18.35
C PRO B 318 -16.48 34.22 19.37
N ASP B 319 -16.91 33.64 20.48
CA ASP B 319 -17.68 34.39 21.47
C ASP B 319 -16.88 35.49 22.16
N LYS B 320 -15.66 35.20 22.58
CA LYS B 320 -14.84 36.22 23.23
C LYS B 320 -14.32 37.21 22.20
N ALA B 321 -14.22 36.77 20.95
CA ALA B 321 -13.83 37.68 19.88
C ALA B 321 -14.96 38.67 19.61
N ARG B 322 -16.20 38.19 19.69
CA ARG B 322 -17.37 39.04 19.47
C ARG B 322 -17.58 40.00 20.65
N ALA B 323 -17.09 39.60 21.82
CA ALA B 323 -17.17 40.43 23.01
C ALA B 323 -16.22 41.61 22.90
N ALA B 324 -14.94 41.31 22.66
CA ALA B 324 -13.95 42.34 22.42
C ALA B 324 -14.31 43.19 21.19
N ARG B 325 -14.79 42.53 20.13
CA ARG B 325 -15.07 43.18 18.86
C ARG B 325 -16.34 42.61 18.24
N PRO B 326 -17.47 43.33 18.39
CA PRO B 326 -18.73 42.97 17.75
C PRO B 326 -18.66 42.85 16.22
N ASP B 327 -17.78 43.60 15.57
CA ASP B 327 -17.75 43.62 14.11
C ASP B 327 -16.74 42.59 13.56
N ALA B 328 -16.29 41.69 14.44
CA ALA B 328 -15.29 40.70 14.06
C ALA B 328 -15.90 39.56 13.26
N ILE B 329 -15.09 39.01 12.34
CA ILE B 329 -15.44 37.84 11.55
C ILE B 329 -14.44 36.72 11.86
N ILE B 330 -14.94 35.56 12.28
CA ILE B 330 -14.07 34.51 12.83
C ILE B 330 -14.23 33.15 12.14
N ALA B 331 -13.10 32.53 11.79
CA ALA B 331 -13.06 31.14 11.32
C ALA B 331 -12.11 30.38 12.22
N THR B 332 -12.39 29.10 12.47
CA THR B 332 -11.50 28.28 13.31
C THR B 332 -11.31 26.89 12.71
N GLY B 333 -10.56 26.04 13.39
CA GLY B 333 -10.37 24.68 12.93
C GLY B 333 -11.39 23.72 13.53
N ARG B 334 -12.32 24.25 14.30
CA ARG B 334 -13.26 23.44 15.07
C ARG B 334 -14.61 23.29 14.38
N SER B 335 -15.13 22.07 14.34
CA SER B 335 -16.45 21.83 13.78
C SER B 335 -17.52 22.45 14.68
N ASP B 336 -17.11 22.75 15.92
CA ASP B 336 -17.90 23.43 16.95
C ASP B 336 -18.43 24.80 16.56
N TYR B 337 -17.63 25.54 15.81
CA TYR B 337 -17.92 26.94 15.51
C TYR B 337 -18.21 27.10 14.04
N PRO B 338 -18.90 28.20 13.68
CA PRO B 338 -19.08 28.50 12.26
C PRO B 338 -17.74 28.64 11.54
N ASN B 339 -17.78 28.53 10.21
CA ASN B 339 -16.63 28.80 9.37
C ASN B 339 -15.44 27.91 9.67
N GLN B 340 -15.68 26.60 9.70
CA GLN B 340 -14.57 25.68 9.96
C GLN B 340 -13.65 25.58 8.76
N VAL B 341 -12.39 25.94 8.96
CA VAL B 341 -11.38 25.76 7.93
C VAL B 341 -10.89 24.32 8.03
N ASN B 342 -11.56 23.46 7.27
CA ASN B 342 -11.36 22.01 7.35
C ASN B 342 -10.68 21.53 6.06
N ASN B 343 -9.51 20.90 6.20
CA ASN B 343 -8.74 20.46 5.03
C ASN B 343 -9.52 19.53 4.13
N VAL B 344 -10.51 18.85 4.71
CA VAL B 344 -11.28 17.90 3.92
C VAL B 344 -12.05 18.59 2.79
N LEU B 345 -12.13 19.91 2.81
CA LEU B 345 -12.77 20.66 1.70
C LEU B 345 -11.87 20.72 0.46
N GLY B 346 -10.58 20.42 0.63
CA GLY B 346 -9.61 20.58 -0.42
C GLY B 346 -9.13 19.30 -1.05
N PHE B 347 -8.29 18.54 -0.34
CA PHE B 347 -7.59 17.40 -0.94
C PHE B 347 -8.47 16.34 -1.65
N PRO B 348 -9.69 16.05 -1.16
CA PRO B 348 -10.41 15.01 -1.90
C PRO B 348 -10.73 15.44 -3.33
N SER B 349 -11.23 16.66 -3.50
CA SER B 349 -11.58 17.15 -4.84
C SER B 349 -10.34 17.41 -5.68
N ILE B 350 -9.28 17.89 -5.03
CA ILE B 350 -8.08 18.20 -5.76
C ILE B 350 -7.53 16.91 -6.36
N PHE B 351 -7.47 15.83 -5.58
CA PHE B 351 -7.00 14.58 -6.16
C PHE B 351 -8.00 13.99 -7.14
N ARG B 352 -9.30 14.16 -6.89
CA ARG B 352 -10.31 13.65 -7.82
C ARG B 352 -10.11 14.26 -9.20
N GLY B 353 -9.91 15.58 -9.25
CA GLY B 353 -9.72 16.29 -10.51
C GLY B 353 -8.42 15.90 -11.18
N ALA B 354 -7.38 15.74 -10.38
CA ALA B 354 -6.07 15.38 -10.91
C ALA B 354 -6.05 13.94 -11.43
N LEU B 355 -6.71 13.03 -10.71
CA LEU B 355 -6.74 11.64 -11.13
C LEU B 355 -7.56 11.44 -12.39
N ASP B 356 -8.70 12.10 -12.48
CA ASP B 356 -9.59 11.82 -13.59
C ASP B 356 -9.06 12.38 -14.90
N THR B 357 -8.19 13.39 -14.82
CA THR B 357 -7.52 13.90 -15.99
C THR B 357 -6.15 13.23 -16.18
N ARG B 358 -5.88 12.23 -15.35
CA ARG B 358 -4.61 11.52 -15.36
C ARG B 358 -3.44 12.50 -15.43
N SER B 359 -3.49 13.52 -14.59
CA SER B 359 -2.49 14.58 -14.58
C SER B 359 -1.15 14.11 -14.04
N THR B 360 -0.11 14.80 -14.46
CA THR B 360 1.24 14.47 -14.03
C THR B 360 1.63 15.31 -12.80
N GLN B 361 0.82 16.33 -12.50
CA GLN B 361 1.08 17.20 -11.36
C GLN B 361 -0.20 17.76 -10.75
N ILE B 362 -0.08 18.22 -9.51
CA ILE B 362 -1.02 19.19 -8.94
C ILE B 362 -0.23 20.49 -8.84
N ASN B 363 -0.54 21.45 -9.71
CA ASN B 363 0.24 22.67 -9.80
C ASN B 363 -0.48 23.83 -9.14
N GLU B 364 0.14 25.02 -9.18
CA GLU B 364 -0.45 26.17 -8.48
C GLU B 364 -1.78 26.58 -9.12
N GLU B 365 -1.90 26.45 -10.43
CA GLU B 365 -3.14 26.71 -11.16
C GLU B 365 -4.31 25.89 -10.62
N MET B 366 -4.04 24.61 -10.37
CA MET B 366 -5.03 23.71 -9.83
C MET B 366 -5.41 24.09 -8.40
N LYS B 367 -4.42 24.47 -7.58
CA LYS B 367 -4.70 24.87 -6.22
C LYS B 367 -5.60 26.11 -6.20
N LEU B 368 -5.27 27.07 -7.06
CA LEU B 368 -6.06 28.29 -7.18
C LEU B 368 -7.48 28.04 -7.64
N ALA B 369 -7.64 27.12 -8.59
CA ALA B 369 -8.94 26.75 -9.09
C ALA B 369 -9.80 26.22 -7.95
N ALA B 370 -9.21 25.42 -7.07
CA ALA B 370 -9.93 24.93 -5.90
C ALA B 370 -10.34 26.08 -4.97
N VAL B 371 -9.42 27.00 -4.70
CA VAL B 371 -9.75 28.17 -3.88
C VAL B 371 -10.98 28.89 -4.41
N HIS B 372 -10.98 29.23 -5.69
CA HIS B 372 -12.07 30.00 -6.25
C HIS B 372 -13.38 29.22 -6.25
N ALA B 373 -13.30 27.90 -6.47
CA ALA B 373 -14.50 27.07 -6.49
C ALA B 373 -15.13 26.97 -5.11
N LEU B 374 -14.30 26.81 -4.09
CA LEU B 374 -14.82 26.76 -2.73
C LEU B 374 -15.47 28.09 -2.36
N ALA B 375 -14.85 29.18 -2.78
CA ALA B 375 -15.38 30.50 -2.43
C ALA B 375 -16.72 30.73 -3.11
N LYS B 376 -16.77 30.42 -4.40
CA LYS B 376 -18.00 30.62 -5.15
C LYS B 376 -19.13 29.77 -4.58
N LEU B 377 -18.82 28.53 -4.20
CA LEU B 377 -19.89 27.65 -3.70
C LEU B 377 -20.52 28.22 -2.45
N ALA B 378 -19.71 28.84 -1.59
CA ALA B 378 -20.27 29.36 -0.35
C ALA B 378 -21.23 30.53 -0.58
N ARG B 379 -21.09 31.21 -1.71
CA ARG B 379 -21.97 32.33 -2.00
C ARG B 379 -23.36 31.92 -2.48
N GLU B 380 -23.53 30.65 -2.84
CA GLU B 380 -24.82 30.18 -3.34
C GLU B 380 -25.82 29.94 -2.22
N ASP B 381 -27.11 29.95 -2.58
CA ASP B 381 -28.16 29.51 -1.66
C ASP B 381 -27.82 28.11 -1.17
N VAL B 382 -28.04 27.86 0.12
CA VAL B 382 -27.79 26.54 0.69
C VAL B 382 -29.02 25.64 0.62
N PRO B 383 -28.88 24.46 0.00
CA PRO B 383 -30.04 23.58 -0.19
C PRO B 383 -30.56 23.01 1.14
N ASP B 384 -31.85 22.66 1.17
CA ASP B 384 -32.44 22.04 2.35
C ASP B 384 -31.65 20.82 2.81
N LYS B 385 -31.13 20.07 1.86
CA LYS B 385 -30.34 18.87 2.11
C LYS B 385 -29.20 19.13 3.10
N VAL B 386 -28.52 20.28 2.96
CA VAL B 386 -27.40 20.59 3.84
C VAL B 386 -27.89 20.96 5.24
N SER B 387 -28.94 21.77 5.30
CA SER B 387 -29.56 22.09 6.59
C SER B 387 -30.00 20.83 7.31
N ALA B 388 -30.63 19.91 6.59
CA ALA B 388 -31.08 18.66 7.21
C ALA B 388 -29.90 17.85 7.75
N THR B 389 -28.79 17.86 7.02
CA THR B 389 -27.59 17.17 7.49
C THR B 389 -27.13 17.79 8.81
N TYR B 390 -27.25 19.10 8.94
CA TYR B 390 -26.76 19.77 10.14
C TYR B 390 -27.90 20.12 11.10
N GLY B 391 -28.82 19.18 11.28
CA GLY B 391 -29.83 19.28 12.31
C GLY B 391 -30.88 20.36 12.11
N GLY B 392 -30.95 20.90 10.90
CA GLY B 392 -31.96 21.89 10.58
C GLY B 392 -31.48 23.33 10.70
N LYS B 393 -30.21 23.52 11.04
CA LYS B 393 -29.64 24.85 11.13
C LYS B 393 -29.71 25.57 9.78
N SER B 394 -29.95 26.88 9.81
CA SER B 394 -30.02 27.69 8.60
C SER B 394 -28.66 28.28 8.24
N PHE B 395 -28.32 28.24 6.97
CA PHE B 395 -27.05 28.81 6.50
C PHE B 395 -27.32 29.78 5.38
N LYS B 396 -26.71 30.95 5.46
CA LYS B 396 -26.77 31.88 4.35
C LYS B 396 -25.46 32.66 4.30
N PHE B 397 -24.98 32.93 3.09
CA PHE B 397 -23.68 33.58 2.90
C PHE B 397 -23.59 34.86 3.72
N GLY B 398 -22.55 34.96 4.53
CA GLY B 398 -22.36 36.13 5.36
C GLY B 398 -21.26 35.88 6.37
N ARG B 399 -21.30 36.60 7.48
CA ARG B 399 -20.22 36.52 8.45
C ARG B 399 -20.17 35.18 9.17
N ASP B 400 -21.31 34.48 9.23
CA ASP B 400 -21.37 33.18 9.88
C ASP B 400 -21.28 32.00 8.90
N TYR B 401 -21.07 32.28 7.63
CA TYR B 401 -20.96 31.20 6.63
C TYR B 401 -20.16 31.72 5.43
N LEU B 402 -18.85 31.51 5.48
CA LEU B 402 -17.87 32.05 4.55
C LEU B 402 -17.31 30.97 3.63
N ILE B 403 -17.53 29.71 4.00
CA ILE B 403 -16.98 28.57 3.27
C ILE B 403 -17.99 27.44 3.38
N PRO B 404 -17.96 26.50 2.42
CA PRO B 404 -18.93 25.42 2.47
C PRO B 404 -18.73 24.52 3.68
N LYS B 405 -19.81 23.91 4.13
CA LYS B 405 -19.75 22.89 5.18
C LYS B 405 -19.08 21.62 4.65
N PRO B 406 -18.30 20.95 5.50
CA PRO B 406 -17.60 19.72 5.09
C PRO B 406 -18.54 18.62 4.56
N PHE B 407 -19.77 18.51 5.09
CA PHE B 407 -20.65 17.46 4.63
C PHE B 407 -21.63 17.89 3.53
N ASP B 408 -21.32 19.02 2.89
CA ASP B 408 -22.06 19.47 1.72
C ASP B 408 -21.58 18.69 0.51
N THR B 409 -22.46 17.88 -0.07
CA THR B 409 -22.06 17.03 -1.20
C THR B 409 -21.79 17.84 -2.46
N ARG B 410 -22.17 19.11 -2.46
CA ARG B 410 -21.84 19.96 -3.60
C ARG B 410 -20.34 20.21 -3.75
N VAL B 411 -19.59 20.04 -2.67
CA VAL B 411 -18.18 20.45 -2.71
C VAL B 411 -17.44 19.70 -3.83
N LEU B 412 -17.56 18.36 -3.86
CA LEU B 412 -16.86 17.57 -4.89
C LEU B 412 -17.31 17.99 -6.29
N LEU B 413 -18.63 18.21 -6.44
CA LEU B 413 -19.19 18.57 -7.73
C LEU B 413 -18.74 19.93 -8.23
N TRP B 414 -18.46 20.85 -7.32
CA TRP B 414 -17.97 22.17 -7.69
C TRP B 414 -16.45 22.22 -7.86
N VAL B 415 -15.72 21.59 -6.96
CA VAL B 415 -14.28 21.75 -6.97
C VAL B 415 -13.57 20.83 -7.94
N ALA B 416 -13.90 19.54 -7.97
CA ALA B 416 -13.13 18.63 -8.83
C ALA B 416 -13.15 19.03 -10.32
N PRO B 417 -14.30 19.45 -10.86
CA PRO B 417 -14.30 19.85 -12.27
C PRO B 417 -13.44 21.08 -12.54
N GLU B 418 -13.37 22.02 -11.60
CA GLU B 418 -12.52 23.19 -11.80
C GLU B 418 -11.04 22.85 -11.71
N VAL B 419 -10.71 21.92 -10.81
CA VAL B 419 -9.33 21.42 -10.78
C VAL B 419 -8.96 20.72 -12.10
N ALA B 420 -9.87 19.90 -12.61
CA ALA B 420 -9.67 19.19 -13.86
C ALA B 420 -9.47 20.16 -15.04
N LYS B 421 -10.29 21.22 -15.07
CA LYS B 421 -10.18 22.23 -16.12
C LYS B 421 -8.86 22.98 -16.03
N ALA B 422 -8.41 23.27 -14.80
CA ALA B 422 -7.14 23.94 -14.64
C ALA B 422 -6.00 23.03 -15.07
N ALA B 423 -6.12 21.72 -14.82
CA ALA B 423 -5.09 20.77 -15.23
C ALA B 423 -4.98 20.73 -16.75
N MET B 424 -6.13 20.74 -17.42
CA MET B 424 -6.18 20.70 -18.88
C MET B 424 -5.63 22.00 -19.46
N LYS B 425 -6.03 23.13 -18.87
CA LYS B 425 -5.62 24.44 -19.34
C LYS B 425 -4.13 24.67 -19.20
N SER B 426 -3.55 24.14 -18.12
CA SER B 426 -2.15 24.35 -17.83
C SER B 426 -1.27 23.29 -18.49
N GLY B 427 -1.91 22.31 -19.12
CA GLY B 427 -1.20 21.30 -19.88
C GLY B 427 -0.59 20.13 -19.13
N VAL B 428 -1.05 19.87 -17.91
CA VAL B 428 -0.50 18.75 -17.16
C VAL B 428 -1.42 17.53 -17.25
N ALA B 429 -2.63 17.74 -17.75
CA ALA B 429 -3.55 16.61 -17.95
C ALA B 429 -3.06 15.73 -19.08
N THR B 430 -3.24 14.42 -18.97
CA THR B 430 -2.94 13.54 -20.10
C THR B 430 -4.23 12.98 -20.69
N ARG B 431 -5.36 13.26 -20.05
CA ARG B 431 -6.64 12.76 -20.49
C ARG B 431 -7.70 13.84 -20.38
N ALA B 432 -8.34 14.18 -21.49
CA ALA B 432 -9.38 15.20 -21.47
C ALA B 432 -10.65 14.65 -20.86
N ILE B 433 -11.41 15.50 -20.18
CA ILE B 433 -12.72 15.12 -19.68
C ILE B 433 -13.81 15.93 -20.37
#